data_8HLE
#
_entry.id   8HLE
#
_cell.length_a   65.803
_cell.length_b   73.387
_cell.length_c   87.368
_cell.angle_alpha   90.00
_cell.angle_beta   91.14
_cell.angle_gamma   90.00
#
_symmetry.space_group_name_H-M   'P 1 21 1'
#
loop_
_entity.id
_entity.type
_entity.pdbx_description
1 polymer 'DMSP lyase DddY'
2 non-polymer 'ZINC ION'
3 non-polymer '3-[dimethyl(oxidanyl)-$l^{4}-sulfanyl]propanoic acid'
4 water water
#
_entity_poly.entity_id   1
_entity_poly.type   'polypeptide(L)'
_entity_poly.pdbx_seq_one_letter_code
;MHKRFLGTIFGATLTCFQAQAAQFQCQDDVKPTSYTTEEQKLVDQFWNESLIYLDQYLKALETPTGQCKDSAQATIQTYN
SETGKMQTQCIMKYRDVELVAKHLKAVLAEPDKAKACFDPQKNYKAFPLYTPSAHVQNLSATSKWINRPLLTDYYKKIGG
EIGAAGLELNENFLEITSRTDTTLHWTKDVSIKGLPTLWSSVGWIPFYAENPNAGSDRFRGGYLYAEVMGPWGNLRIKEI
DGEKVGAEIGMTAQLFNTSAPYHYHHPQEIYMTLTKPQCIDQNKHMVMHWDNNQFKQKRSDNGWTVNIDGSKGKWKKWFS
NQDPEQNWLTYFERNAIHAFHTLEGCNQTIKNSGLVTVWARTTAQDNNQTTQLCRPMTGAKDIKTMKPEDKAICDLDDWK
PHHHHHH
;
_entity_poly.pdbx_strand_id   A,B
#
# COMPACT_ATOMS: atom_id res chain seq x y z
N ALA A 22 11.93 25.63 15.66
CA ALA A 22 11.92 26.49 14.48
C ALA A 22 10.61 27.26 14.39
N GLN A 23 10.61 28.35 13.63
CA GLN A 23 9.43 29.18 13.43
C GLN A 23 9.05 29.14 11.96
N PHE A 24 7.84 28.64 11.69
CA PHE A 24 7.31 28.51 10.33
C PHE A 24 6.41 29.70 10.03
N GLN A 25 6.65 30.36 8.89
CA GLN A 25 5.71 31.32 8.34
C GLN A 25 5.11 30.72 7.07
N CYS A 26 3.78 30.57 7.04
CA CYS A 26 3.14 29.95 5.90
C CYS A 26 3.00 30.93 4.73
N GLN A 27 2.77 30.37 3.54
CA GLN A 27 2.45 31.20 2.39
C GLN A 27 1.15 31.96 2.62
N ASP A 28 0.98 33.03 1.86
CA ASP A 28 -0.10 33.98 2.15
C ASP A 28 -1.48 33.42 1.81
N ASP A 29 -1.58 32.43 0.92
CA ASP A 29 -2.86 31.83 0.60
C ASP A 29 -3.17 30.63 1.48
N VAL A 30 -2.44 30.42 2.57
CA VAL A 30 -2.83 29.42 3.56
C VAL A 30 -3.82 30.09 4.51
N LYS A 31 -5.01 29.53 4.60
CA LYS A 31 -6.11 30.10 5.35
C LYS A 31 -6.51 29.17 6.49
N PRO A 32 -7.00 29.72 7.60
CA PRO A 32 -7.47 28.85 8.69
C PRO A 32 -8.58 27.93 8.19
N THR A 33 -8.52 26.68 8.62
CA THR A 33 -9.47 25.66 8.19
C THR A 33 -10.01 24.94 9.42
N SER A 34 -11.21 24.38 9.28
CA SER A 34 -11.82 23.53 10.30
C SER A 34 -12.52 22.38 9.61
N TYR A 35 -12.29 21.17 10.11
CA TYR A 35 -12.79 19.95 9.48
C TYR A 35 -13.68 19.19 10.45
N THR A 36 -14.64 18.45 9.90
CA THR A 36 -15.36 17.49 10.73
C THR A 36 -14.41 16.38 11.18
N THR A 37 -14.88 15.54 12.11
CA THR A 37 -14.05 14.44 12.60
C THR A 37 -13.66 13.50 11.46
N GLU A 38 -14.60 13.20 10.55
CA GLU A 38 -14.27 12.31 9.45
C GLU A 38 -13.39 13.00 8.43
N GLU A 39 -13.63 14.28 8.15
CA GLU A 39 -12.81 15.00 7.18
C GLU A 39 -11.36 15.08 7.65
N GLN A 40 -11.16 15.25 8.95
CA GLN A 40 -9.80 15.38 9.48
C GLN A 40 -9.02 14.09 9.30
N LYS A 41 -9.70 12.94 9.31
CA LYS A 41 -9.00 11.69 9.06
C LYS A 41 -8.49 11.65 7.63
N LEU A 42 -9.26 12.19 6.69
CA LEU A 42 -8.84 12.22 5.29
C LEU A 42 -7.67 13.17 5.09
N VAL A 43 -7.68 14.30 5.79
CA VAL A 43 -6.58 15.26 5.71
C VAL A 43 -5.33 14.71 6.39
N ASP A 44 -5.49 14.02 7.51
CA ASP A 44 -4.34 13.46 8.21
C ASP A 44 -3.65 12.38 7.39
N GLN A 45 -4.42 11.53 6.70
CA GLN A 45 -3.79 10.51 5.87
C GLN A 45 -2.99 11.16 4.73
N PHE A 46 -3.56 12.18 4.10
CA PHE A 46 -2.85 12.98 3.09
C PHE A 46 -1.55 13.53 3.66
N TRP A 47 -1.63 14.16 4.83
CA TRP A 47 -0.45 14.71 5.50
C TRP A 47 0.57 13.63 5.81
N ASN A 48 0.12 12.50 6.36
CA ASN A 48 1.08 11.48 6.78
C ASN A 48 1.87 10.93 5.59
N GLU A 49 1.19 10.67 4.47
CA GLU A 49 1.90 10.18 3.29
C GLU A 49 2.77 11.27 2.66
N SER A 50 2.35 12.54 2.77
CA SER A 50 3.22 13.63 2.35
C SER A 50 4.51 13.65 3.16
N LEU A 51 4.40 13.41 4.47
CA LEU A 51 5.60 13.37 5.31
C LEU A 51 6.51 12.20 4.92
N ILE A 52 5.94 11.04 4.58
CA ILE A 52 6.79 9.94 4.13
C ILE A 52 7.52 10.32 2.84
N TYR A 53 6.79 10.92 1.89
CA TYR A 53 7.40 11.38 0.64
C TYR A 53 8.58 12.31 0.91
N LEU A 54 8.43 13.22 1.88
CA LEU A 54 9.47 14.21 2.13
C LEU A 54 10.63 13.63 2.92
N ASP A 55 10.38 12.67 3.82
CA ASP A 55 11.47 11.98 4.51
C ASP A 55 12.26 11.09 3.55
N GLN A 56 11.57 10.35 2.69
CA GLN A 56 12.28 9.59 1.66
C GLN A 56 13.03 10.51 0.71
N TYR A 57 12.46 11.68 0.39
CA TYR A 57 13.17 12.64 -0.46
C TYR A 57 14.48 13.08 0.20
N LEU A 58 14.41 13.42 1.49
CA LEU A 58 15.63 13.77 2.22
C LEU A 58 16.64 12.63 2.18
N LYS A 59 16.19 11.38 2.37
CA LYS A 59 17.12 10.27 2.36
C LYS A 59 17.70 10.04 0.98
N ALA A 60 16.90 10.29 -0.07
CA ALA A 60 17.41 10.14 -1.44
C ALA A 60 18.52 11.14 -1.74
N LEU A 61 18.42 12.35 -1.18
CA LEU A 61 19.48 13.33 -1.34
C LEU A 61 20.73 12.97 -0.54
N GLU A 62 20.56 12.53 0.71
CA GLU A 62 21.68 12.46 1.63
C GLU A 62 22.39 11.11 1.65
N THR A 63 21.74 10.06 1.17
CA THR A 63 22.35 8.74 1.22
C THR A 63 23.41 8.64 0.13
N PRO A 64 24.64 8.27 0.47
CA PRO A 64 25.70 8.25 -0.54
C PRO A 64 25.48 7.16 -1.58
N THR A 65 25.83 7.49 -2.83
CA THR A 65 25.80 6.53 -3.95
C THR A 65 27.01 6.79 -4.85
N GLY A 66 27.31 5.79 -5.67
CA GLY A 66 28.45 5.90 -6.57
C GLY A 66 29.75 6.04 -5.80
N GLN A 67 30.55 7.03 -6.18
CA GLN A 67 31.80 7.29 -5.49
C GLN A 67 31.70 8.48 -4.56
N CYS A 68 30.49 9.00 -4.34
CA CYS A 68 30.28 10.09 -3.41
C CYS A 68 30.24 9.54 -1.99
N LYS A 69 30.99 10.16 -1.07
CA LYS A 69 31.07 9.65 0.30
C LYS A 69 29.94 10.16 1.18
N ASP A 70 29.38 11.34 0.87
CA ASP A 70 28.52 12.03 1.81
C ASP A 70 27.10 12.26 1.30
N SER A 71 26.82 12.06 0.02
CA SER A 71 25.51 12.33 -0.54
C SER A 71 25.37 11.62 -1.89
N ALA A 72 24.22 11.80 -2.51
CA ALA A 72 23.90 11.06 -3.73
C ALA A 72 24.67 11.60 -4.92
N GLN A 73 25.14 10.69 -5.78
CA GLN A 73 25.87 11.06 -6.99
C GLN A 73 24.88 11.37 -8.12
N ALA A 74 24.78 12.64 -8.50
CA ALA A 74 23.82 13.08 -9.51
C ALA A 74 24.52 13.33 -10.84
N THR A 75 23.85 12.98 -11.94
CA THR A 75 24.34 13.38 -13.25
C THR A 75 24.04 14.86 -13.46
N ILE A 76 25.08 15.65 -13.75
CA ILE A 76 24.87 17.07 -14.01
C ILE A 76 25.07 17.44 -15.49
N GLN A 77 25.73 16.60 -16.28
CA GLN A 77 25.76 16.73 -17.73
C GLN A 77 25.75 15.34 -18.33
N THR A 78 24.84 15.10 -19.28
CA THR A 78 24.85 13.81 -19.95
C THR A 78 26.02 13.71 -20.92
N TYR A 79 26.50 14.84 -21.43
CA TYR A 79 27.62 14.87 -22.35
C TYR A 79 28.48 16.10 -22.05
N ASN A 80 29.63 15.88 -21.41
CA ASN A 80 30.64 16.93 -21.24
C ASN A 80 31.46 17.02 -22.52
N SER A 81 31.57 18.23 -23.07
CA SER A 81 32.16 18.39 -24.39
C SER A 81 33.63 18.02 -24.43
N GLU A 82 34.37 18.30 -23.36
CA GLU A 82 35.80 18.02 -23.32
C GLU A 82 36.09 16.55 -23.07
N THR A 83 35.32 15.91 -22.19
CA THR A 83 35.56 14.51 -21.86
C THR A 83 34.83 13.55 -22.79
N GLY A 84 33.74 13.98 -23.43
CA GLY A 84 32.96 13.06 -24.23
C GLY A 84 32.21 12.03 -23.43
N LYS A 85 32.03 12.26 -22.13
CA LYS A 85 31.30 11.35 -21.27
C LYS A 85 30.44 12.14 -20.29
N MET A 86 29.61 11.43 -19.54
CA MET A 86 28.75 12.09 -18.57
C MET A 86 29.59 12.71 -17.47
N GLN A 87 29.01 13.70 -16.79
CA GLN A 87 29.64 14.42 -15.70
C GLN A 87 28.72 14.36 -14.49
N THR A 88 29.27 14.04 -13.33
CA THR A 88 28.46 13.93 -12.12
C THR A 88 28.99 14.87 -11.04
N GLN A 89 28.17 15.04 -9.99
CA GLN A 89 28.56 15.79 -8.81
C GLN A 89 27.77 15.23 -7.62
N CYS A 90 28.39 15.26 -6.44
CA CYS A 90 27.69 14.83 -5.25
C CYS A 90 26.68 15.91 -4.89
N ILE A 91 25.40 15.53 -4.80
CA ILE A 91 24.33 16.52 -4.93
C ILE A 91 24.28 17.48 -3.74
N MET A 92 24.73 17.06 -2.55
CA MET A 92 24.70 18.01 -1.43
C MET A 92 25.85 19.01 -1.46
N LYS A 93 26.71 18.96 -2.49
CA LYS A 93 27.70 20.01 -2.68
C LYS A 93 27.05 21.35 -3.02
N TYR A 94 25.86 21.33 -3.61
CA TYR A 94 25.16 22.55 -4.01
C TYR A 94 24.45 23.18 -2.82
N ARG A 95 24.76 24.46 -2.56
CA ARG A 95 24.18 25.12 -1.38
C ARG A 95 22.65 25.12 -1.41
N ASP A 96 22.05 25.23 -2.59
CA ASP A 96 20.59 25.22 -2.68
C ASP A 96 20.02 23.87 -2.26
N VAL A 97 20.74 22.78 -2.58
CA VAL A 97 20.29 21.45 -2.15
C VAL A 97 20.49 21.28 -0.65
N GLU A 98 21.61 21.76 -0.12
CA GLU A 98 21.82 21.79 1.33
C GLU A 98 20.64 22.45 2.04
N LEU A 99 20.15 23.57 1.49
CA LEU A 99 19.05 24.30 2.12
C LEU A 99 17.74 23.53 2.01
N VAL A 100 17.49 22.90 0.86
CA VAL A 100 16.34 22.00 0.77
C VAL A 100 16.39 20.97 1.90
N ALA A 101 17.54 20.30 2.07
CA ALA A 101 17.65 19.27 3.10
C ALA A 101 17.41 19.85 4.50
N LYS A 102 17.97 21.02 4.77
CA LYS A 102 17.80 21.67 6.07
C LYS A 102 16.33 21.96 6.35
N HIS A 103 15.60 22.47 5.36
CA HIS A 103 14.19 22.79 5.55
C HIS A 103 13.33 21.54 5.71
N LEU A 104 13.61 20.49 4.92
CA LEU A 104 12.90 19.21 5.11
C LEU A 104 13.13 18.68 6.52
N LYS A 105 14.37 18.78 7.03
CA LYS A 105 14.68 18.31 8.37
C LYS A 105 13.86 19.05 9.42
N ALA A 106 13.71 20.37 9.26
CA ALA A 106 12.90 21.15 10.20
C ALA A 106 11.43 20.77 10.10
N VAL A 107 10.93 20.58 8.88
CA VAL A 107 9.57 20.06 8.70
C VAL A 107 9.39 18.76 9.45
N LEU A 108 10.29 17.80 9.22
CA LEU A 108 10.10 16.47 9.76
C LEU A 108 10.31 16.44 11.27
N ALA A 109 11.09 17.37 11.80
CA ALA A 109 11.35 17.42 13.24
C ALA A 109 10.16 18.01 14.00
N GLU A 110 9.44 18.94 13.39
CA GLU A 110 8.29 19.59 14.02
C GLU A 110 7.09 19.49 13.08
N PRO A 111 6.59 18.29 12.82
CA PRO A 111 5.53 18.14 11.81
C PRO A 111 4.23 18.83 12.19
N ASP A 112 3.93 18.94 13.48
CA ASP A 112 2.71 19.65 13.88
C ASP A 112 2.78 21.12 13.50
N LYS A 113 3.97 21.72 13.59
CA LYS A 113 4.15 23.11 13.19
C LYS A 113 4.04 23.27 11.67
N ALA A 114 4.77 22.44 10.92
CA ALA A 114 4.71 22.51 9.47
C ALA A 114 3.29 22.29 8.95
N LYS A 115 2.48 21.50 9.66
CA LYS A 115 1.13 21.17 9.19
C LYS A 115 0.21 22.37 9.19
N ALA A 116 0.53 23.43 9.96
CA ALA A 116 -0.22 24.67 9.84
C ALA A 116 -0.19 25.22 8.42
N CYS A 117 0.87 24.91 7.68
CA CYS A 117 1.08 25.40 6.32
C CYS A 117 0.58 24.42 5.26
N PHE A 118 -0.17 23.38 5.65
CA PHE A 118 -0.63 22.32 4.76
C PHE A 118 -2.14 22.40 4.56
N ASP A 119 -2.60 22.25 3.32
CA ASP A 119 -4.03 22.07 3.10
C ASP A 119 -4.22 21.23 1.86
N PRO A 120 -5.38 20.58 1.73
CA PRO A 120 -5.60 19.67 0.60
C PRO A 120 -5.92 20.36 -0.70
N GLN A 121 -5.90 21.70 -0.76
CA GLN A 121 -6.25 22.45 -1.97
C GLN A 121 -7.60 22.01 -2.52
N LYS A 122 -8.57 21.87 -1.62
CA LYS A 122 -9.93 21.52 -2.05
C LYS A 122 -10.62 22.70 -2.72
N ASN A 123 -10.41 23.90 -2.19
CA ASN A 123 -10.95 25.11 -2.80
C ASN A 123 -9.81 26.06 -3.13
N TYR A 124 -8.88 25.60 -3.96
CA TYR A 124 -7.75 26.38 -4.45
C TYR A 124 -8.19 27.15 -5.69
N LYS A 125 -8.09 28.47 -5.65
CA LYS A 125 -8.67 29.30 -6.71
C LYS A 125 -7.68 29.75 -7.78
N ALA A 126 -6.37 29.70 -7.51
CA ALA A 126 -5.39 30.27 -8.43
C ALA A 126 -5.54 29.69 -9.84
N PHE A 127 -5.62 28.37 -9.95
CA PHE A 127 -5.77 27.74 -11.26
C PHE A 127 -6.31 26.33 -11.04
N PRO A 128 -6.86 25.71 -12.09
CA PRO A 128 -7.43 24.37 -11.91
C PRO A 128 -6.38 23.31 -11.58
N LEU A 129 -6.77 22.41 -10.69
CA LEU A 129 -6.02 21.20 -10.36
C LEU A 129 -6.93 20.01 -10.63
N TYR A 130 -6.34 18.89 -11.07
CA TYR A 130 -7.12 17.78 -11.60
C TYR A 130 -6.73 16.45 -10.95
N THR A 131 -7.63 15.50 -11.08
CA THR A 131 -7.35 14.08 -10.85
C THR A 131 -7.49 13.35 -12.19
N PRO A 132 -6.61 12.38 -12.50
CA PRO A 132 -6.64 11.79 -13.85
C PRO A 132 -7.98 11.22 -14.25
N SER A 133 -8.65 10.50 -13.36
CA SER A 133 -9.77 9.64 -13.75
C SER A 133 -10.55 9.23 -12.51
N ALA A 134 -11.72 8.65 -12.72
CA ALA A 134 -12.52 8.17 -11.60
C ALA A 134 -11.78 7.00 -10.95
N HIS A 135 -11.13 6.20 -11.79
CA HIS A 135 -10.37 5.06 -11.31
C HIS A 135 -9.33 5.51 -10.29
N VAL A 136 -8.55 6.53 -10.65
CA VAL A 136 -7.53 7.04 -9.76
C VAL A 136 -8.18 7.59 -8.49
N GLN A 137 -9.23 8.40 -8.67
CA GLN A 137 -10.00 8.91 -7.54
C GLN A 137 -10.43 7.80 -6.59
N ASN A 138 -10.77 6.63 -7.13
CA ASN A 138 -11.23 5.51 -6.30
C ASN A 138 -10.14 4.94 -5.42
N LEU A 139 -8.88 5.38 -5.59
CA LEU A 139 -7.81 4.83 -4.75
C LEU A 139 -7.86 5.32 -3.32
N SER A 140 -8.55 6.42 -3.03
CA SER A 140 -8.54 6.91 -1.66
C SER A 140 -9.78 7.74 -1.38
N ALA A 141 -10.28 7.61 -0.14
CA ALA A 141 -11.42 8.41 0.29
C ALA A 141 -11.08 9.89 0.28
N THR A 142 -9.81 10.22 0.56
CA THR A 142 -9.36 11.60 0.48
C THR A 142 -9.61 12.18 -0.91
N SER A 143 -9.21 11.44 -1.96
CA SER A 143 -9.32 11.97 -3.32
C SER A 143 -10.77 12.17 -3.73
N LYS A 144 -11.63 11.19 -3.40
CA LYS A 144 -13.06 11.35 -3.70
C LYS A 144 -13.63 12.58 -3.00
N TRP A 145 -13.24 12.80 -1.73
CA TRP A 145 -13.77 13.96 -1.00
C TRP A 145 -13.28 15.28 -1.62
N ILE A 146 -12.02 15.34 -2.02
CA ILE A 146 -11.49 16.57 -2.61
C ILE A 146 -12.22 16.88 -3.91
N ASN A 147 -12.52 15.84 -4.70
CA ASN A 147 -13.42 15.92 -5.85
C ASN A 147 -12.92 16.92 -6.90
N ARG A 148 -11.62 16.86 -7.21
CA ARG A 148 -11.06 17.65 -8.31
C ARG A 148 -11.74 17.31 -9.64
N PRO A 149 -11.79 18.25 -10.58
CA PRO A 149 -12.24 17.90 -11.94
C PRO A 149 -11.35 16.81 -12.53
N LEU A 150 -11.93 16.01 -13.43
CA LEU A 150 -11.23 14.85 -14.00
C LEU A 150 -10.61 15.19 -15.35
N LEU A 151 -9.38 14.70 -15.56
CA LEU A 151 -8.73 14.93 -16.84
C LEU A 151 -9.37 14.12 -17.97
N THR A 152 -10.07 13.02 -17.68
CA THR A 152 -10.83 12.34 -18.73
C THR A 152 -11.92 13.26 -19.28
N ASP A 153 -12.60 14.01 -18.40
CA ASP A 153 -13.55 15.00 -18.85
C ASP A 153 -12.86 16.12 -19.62
N TYR A 154 -11.68 16.53 -19.14
CA TYR A 154 -10.95 17.63 -19.77
C TYR A 154 -10.57 17.30 -21.20
N TYR A 155 -10.09 16.06 -21.42
CA TYR A 155 -9.61 15.71 -22.75
C TYR A 155 -10.73 15.24 -23.67
N LYS A 156 -11.85 14.79 -23.13
CA LYS A 156 -13.03 14.56 -23.96
C LYS A 156 -13.51 15.86 -24.59
N LYS A 157 -13.48 16.95 -23.83
CA LYS A 157 -13.91 18.23 -24.37
C LYS A 157 -12.90 18.77 -25.37
N ILE A 158 -11.62 18.53 -25.14
CA ILE A 158 -10.60 19.07 -26.03
C ILE A 158 -10.67 18.40 -27.40
N GLY A 159 -10.82 17.07 -27.41
CA GLY A 159 -10.91 16.36 -28.66
C GLY A 159 -9.59 16.31 -29.44
N GLY A 160 -9.70 15.90 -30.70
CA GLY A 160 -8.53 15.87 -31.57
C GLY A 160 -7.41 14.96 -31.04
N GLU A 161 -6.23 15.13 -31.67
CA GLU A 161 -5.12 14.25 -31.34
C GLU A 161 -4.57 14.56 -29.93
N ILE A 162 -4.65 15.82 -29.49
CA ILE A 162 -4.29 16.13 -28.10
C ILE A 162 -5.20 15.38 -27.14
N GLY A 163 -6.51 15.38 -27.42
CA GLY A 163 -7.44 14.67 -26.56
C GLY A 163 -7.22 13.18 -26.57
N ALA A 164 -6.87 12.63 -27.73
CA ALA A 164 -6.58 11.19 -27.81
C ALA A 164 -5.36 10.83 -26.97
N ALA A 165 -4.34 11.70 -26.97
CA ALA A 165 -3.17 11.40 -26.15
C ALA A 165 -3.49 11.58 -24.67
N GLY A 166 -4.25 12.62 -24.33
CA GLY A 166 -4.63 12.84 -22.94
C GLY A 166 -5.47 11.71 -22.39
N LEU A 167 -6.37 11.16 -23.23
CA LEU A 167 -7.18 10.03 -22.79
C LEU A 167 -6.33 8.77 -22.64
N GLU A 168 -5.37 8.54 -23.54
CA GLU A 168 -4.53 7.36 -23.40
C GLU A 168 -3.75 7.41 -22.09
N LEU A 169 -3.21 8.57 -21.75
CA LEU A 169 -2.46 8.70 -20.50
C LEU A 169 -3.38 8.57 -19.28
N ASN A 170 -4.50 9.29 -19.27
CA ASN A 170 -5.27 9.41 -18.04
C ASN A 170 -6.21 8.24 -17.82
N GLU A 171 -6.72 7.63 -18.90
CA GLU A 171 -7.50 6.39 -18.73
C GLU A 171 -6.63 5.20 -18.34
N ASN A 172 -5.30 5.32 -18.43
CA ASN A 172 -4.40 4.23 -18.07
C ASN A 172 -3.34 4.70 -17.09
N PHE A 173 -3.69 5.71 -16.29
CA PHE A 173 -2.72 6.40 -15.43
C PHE A 173 -2.15 5.48 -14.37
N LEU A 174 -2.99 4.69 -13.71
CA LEU A 174 -2.50 3.79 -12.67
C LEU A 174 -1.48 2.80 -13.23
N GLU A 175 -1.81 2.18 -14.37
CA GLU A 175 -0.90 1.20 -14.97
C GLU A 175 0.41 1.85 -15.40
N ILE A 176 0.33 3.04 -16.02
CA ILE A 176 1.55 3.75 -16.42
C ILE A 176 2.41 4.07 -15.20
N THR A 177 1.79 4.61 -14.15
CA THR A 177 2.55 5.09 -13.00
C THR A 177 2.92 3.99 -12.02
N SER A 178 2.39 2.79 -12.18
CA SER A 178 2.75 1.65 -11.33
C SER A 178 3.94 0.86 -11.84
N ARG A 179 4.44 1.18 -13.03
CA ARG A 179 5.56 0.43 -13.61
C ARG A 179 6.85 1.07 -13.12
N THR A 180 7.10 0.87 -11.82
CA THR A 180 8.17 1.53 -11.09
C THR A 180 8.87 0.49 -10.22
N ASP A 181 10.11 0.79 -9.89
CA ASP A 181 10.91 -0.05 -9.00
C ASP A 181 11.66 0.90 -8.08
N THR A 182 11.27 0.94 -6.81
CA THR A 182 11.85 1.84 -5.85
C THR A 182 12.78 1.12 -4.88
N THR A 183 13.09 -0.15 -5.11
CA THR A 183 13.75 -0.95 -4.09
C THR A 183 15.23 -0.59 -3.89
N LEU A 184 15.90 0.04 -4.86
CA LEU A 184 17.33 0.28 -4.68
C LEU A 184 17.61 1.57 -3.90
N HIS A 185 16.93 2.67 -4.23
CA HIS A 185 17.29 3.97 -3.65
C HIS A 185 16.26 4.52 -2.68
N TRP A 186 15.22 3.76 -2.35
CA TRP A 186 14.22 4.20 -1.40
C TRP A 186 14.00 3.10 -0.38
N THR A 187 13.84 3.46 0.89
CA THR A 187 13.53 2.46 1.90
C THR A 187 12.04 2.27 2.10
N LYS A 188 11.22 3.16 1.52
CA LYS A 188 9.77 2.98 1.47
C LYS A 188 9.31 3.28 0.05
N ASP A 189 8.34 2.52 -0.42
CA ASP A 189 7.86 2.74 -1.79
C ASP A 189 7.17 4.10 -1.87
N VAL A 190 7.75 5.02 -2.65
CA VAL A 190 7.20 6.36 -2.79
C VAL A 190 6.32 6.51 -4.04
N SER A 191 6.10 5.42 -4.77
CA SER A 191 5.26 5.48 -5.96
C SER A 191 3.79 5.43 -5.57
N ILE A 192 2.93 5.50 -6.60
CA ILE A 192 1.48 5.43 -6.42
C ILE A 192 1.08 4.14 -5.71
N LYS A 193 1.87 3.07 -5.87
CA LYS A 193 1.53 1.81 -5.20
C LYS A 193 1.74 1.92 -3.69
N GLY A 194 2.80 2.60 -3.28
CA GLY A 194 3.15 2.69 -1.87
C GLY A 194 2.48 3.85 -1.15
N LEU A 195 2.25 4.95 -1.86
CA LEU A 195 1.60 6.15 -1.31
C LEU A 195 0.38 6.53 -2.16
N PRO A 196 -0.65 5.68 -2.19
CA PRO A 196 -1.79 5.94 -3.10
C PRO A 196 -2.66 7.12 -2.70
N THR A 197 -2.80 7.44 -1.42
CA THR A 197 -3.54 8.64 -1.04
C THR A 197 -2.83 9.89 -1.55
N LEU A 198 -1.50 9.92 -1.47
CA LEU A 198 -0.75 11.07 -1.95
C LEU A 198 -0.92 11.25 -3.45
N TRP A 199 -0.67 10.20 -4.22
CA TRP A 199 -0.69 10.33 -5.69
C TRP A 199 -2.09 10.57 -6.19
N SER A 200 -3.10 10.05 -5.48
CA SER A 200 -4.48 10.21 -5.92
C SER A 200 -5.08 11.54 -5.50
N SER A 201 -4.47 12.25 -4.54
CA SER A 201 -5.07 13.46 -4.02
C SER A 201 -4.33 14.74 -4.40
N VAL A 202 -3.07 14.65 -4.80
CA VAL A 202 -2.35 15.86 -5.17
C VAL A 202 -2.93 16.43 -6.46
N GLY A 203 -2.73 17.74 -6.65
CA GLY A 203 -3.28 18.38 -7.82
C GLY A 203 -2.49 18.16 -9.10
N TRP A 204 -3.05 17.44 -10.07
CA TRP A 204 -2.34 17.17 -11.33
C TRP A 204 -2.63 18.25 -12.35
N ILE A 205 -1.62 18.58 -13.16
CA ILE A 205 -1.66 19.74 -14.03
C ILE A 205 -1.22 19.36 -15.44
N PRO A 206 -2.09 19.50 -16.47
CA PRO A 206 -1.71 19.23 -17.87
C PRO A 206 -0.95 20.42 -18.42
N PHE A 207 0.33 20.47 -18.03
CA PHE A 207 1.12 21.69 -18.13
C PHE A 207 1.32 22.14 -19.57
N TYR A 208 1.29 21.22 -20.54
CA TYR A 208 1.57 21.56 -21.94
C TYR A 208 0.34 21.48 -22.85
N ALA A 209 -0.82 21.09 -22.33
CA ALA A 209 -1.97 20.84 -23.21
C ALA A 209 -2.39 22.09 -23.97
N GLU A 210 -2.15 23.28 -23.42
CA GLU A 210 -2.62 24.52 -24.03
C GLU A 210 -1.49 25.31 -24.68
N ASN A 211 -0.29 24.74 -24.78
CA ASN A 211 0.90 25.44 -25.25
C ASN A 211 1.28 24.95 -26.64
N PRO A 212 1.03 25.74 -27.69
CA PRO A 212 1.38 25.28 -29.05
C PRO A 212 2.88 25.15 -29.27
N ASN A 213 3.70 25.80 -28.46
CA ASN A 213 5.14 25.72 -28.62
C ASN A 213 5.74 24.44 -28.08
N ALA A 214 4.97 23.64 -27.33
CA ALA A 214 5.45 22.43 -26.67
C ALA A 214 5.65 21.25 -27.61
N GLY A 215 5.37 21.40 -28.90
CA GLY A 215 5.71 20.36 -29.86
C GLY A 215 4.49 19.51 -30.21
N SER A 216 4.67 18.19 -30.16
CA SER A 216 3.69 17.28 -30.74
C SER A 216 2.39 17.26 -29.95
N ASP A 217 1.31 16.90 -30.65
CA ASP A 217 0.02 16.69 -30.02
C ASP A 217 0.09 15.60 -28.95
N ARG A 218 0.83 14.50 -29.22
CA ARG A 218 0.93 13.44 -28.23
C ARG A 218 1.68 13.90 -26.98
N PHE A 219 2.75 14.67 -27.14
CA PHE A 219 3.48 15.13 -25.96
C PHE A 219 2.61 16.07 -25.13
N ARG A 220 1.88 16.98 -25.77
CA ARG A 220 1.04 17.94 -25.05
C ARG A 220 -0.07 17.24 -24.27
N GLY A 221 -0.76 16.29 -24.89
CA GLY A 221 -1.80 15.56 -24.16
C GLY A 221 -1.25 14.56 -23.16
N GLY A 222 -0.02 14.07 -23.40
CA GLY A 222 0.56 13.00 -22.62
C GLY A 222 1.53 13.43 -21.53
N TYR A 223 1.39 14.65 -21.02
CA TYR A 223 2.28 15.13 -19.96
C TYR A 223 1.46 15.63 -18.78
N LEU A 224 1.91 15.29 -17.55
CA LEU A 224 1.32 15.78 -16.31
C LEU A 224 2.40 15.98 -15.26
N TYR A 225 2.15 16.89 -14.32
CA TYR A 225 2.97 16.95 -13.11
C TYR A 225 2.09 17.38 -11.94
N ALA A 226 2.60 17.17 -10.73
CA ALA A 226 1.92 17.61 -9.51
C ALA A 226 2.96 18.06 -8.49
N GLU A 227 2.51 18.93 -7.57
CA GLU A 227 3.38 19.55 -6.56
C GLU A 227 2.87 19.21 -5.16
N VAL A 228 3.65 18.41 -4.42
CA VAL A 228 3.35 18.11 -3.02
C VAL A 228 3.71 19.28 -2.11
N MET A 229 4.94 19.80 -2.23
CA MET A 229 5.46 20.87 -1.39
C MET A 229 6.02 21.99 -2.26
N GLY A 230 5.72 23.24 -1.89
CA GLY A 230 6.21 24.41 -2.58
C GLY A 230 5.18 25.51 -2.62
N PRO A 231 5.47 26.60 -3.36
CA PRO A 231 4.56 27.76 -3.37
C PRO A 231 3.18 27.47 -3.94
N TRP A 232 3.00 26.34 -4.65
CA TRP A 232 1.72 25.98 -5.26
C TRP A 232 1.32 24.54 -4.95
N GLY A 233 1.90 23.93 -3.92
CA GLY A 233 1.62 22.56 -3.54
C GLY A 233 0.67 22.47 -2.35
N ASN A 234 0.61 21.28 -1.76
CA ASN A 234 -0.23 21.12 -0.57
C ASN A 234 0.42 21.69 0.68
N LEU A 235 1.75 21.58 0.78
CA LEU A 235 2.52 22.15 1.89
C LEU A 235 3.21 23.41 1.39
N ARG A 236 2.77 24.56 1.87
CA ARG A 236 3.17 25.87 1.34
C ARG A 236 3.78 26.72 2.45
N ILE A 237 5.08 26.53 2.69
CA ILE A 237 5.82 27.24 3.74
C ILE A 237 6.61 28.37 3.08
N LYS A 238 6.35 29.60 3.50
CA LYS A 238 7.10 30.71 2.93
C LYS A 238 8.51 30.80 3.50
N GLU A 239 8.63 30.77 4.83
CA GLU A 239 9.92 30.89 5.49
C GLU A 239 9.98 29.97 6.70
N ILE A 240 11.19 29.49 6.99
CA ILE A 240 11.51 28.80 8.24
C ILE A 240 12.69 29.56 8.86
N ASP A 241 12.51 30.04 10.09
CA ASP A 241 13.56 30.81 10.78
C ASP A 241 14.09 31.95 9.92
N GLY A 242 13.19 32.64 9.22
CA GLY A 242 13.55 33.76 8.38
C GLY A 242 14.14 33.42 7.03
N GLU A 243 14.35 32.13 6.73
CA GLU A 243 14.92 31.71 5.46
C GLU A 243 13.79 31.37 4.48
N LYS A 244 13.85 31.95 3.27
CA LYS A 244 12.86 31.61 2.25
C LYS A 244 13.00 30.13 1.87
N VAL A 245 11.89 29.42 1.87
CA VAL A 245 11.89 27.99 1.49
C VAL A 245 11.84 27.91 -0.03
N GLY A 246 12.92 27.44 -0.64
CA GLY A 246 12.94 27.27 -2.08
C GLY A 246 12.50 25.91 -2.56
N ALA A 247 12.37 24.93 -1.65
CA ALA A 247 12.01 23.57 -2.05
C ALA A 247 10.65 23.53 -2.73
N GLU A 248 10.59 22.82 -3.86
CA GLU A 248 9.36 22.59 -4.60
C GLU A 248 9.41 21.14 -5.06
N ILE A 249 8.66 20.27 -4.39
CA ILE A 249 8.72 18.84 -4.64
C ILE A 249 7.41 18.19 -5.06
N GLY A 250 7.51 17.31 -6.04
CA GLY A 250 6.34 16.62 -6.54
C GLY A 250 6.67 15.45 -7.45
N MET A 251 5.87 15.29 -8.48
CA MET A 251 6.06 14.21 -9.42
C MET A 251 5.68 14.57 -10.85
N THR A 252 6.16 13.77 -11.80
CA THR A 252 5.86 13.99 -13.20
C THR A 252 5.54 12.67 -13.88
N ALA A 253 4.81 12.77 -14.99
CA ALA A 253 4.43 11.61 -15.77
C ALA A 253 4.37 12.02 -17.24
N GLN A 254 5.10 11.29 -18.07
CA GLN A 254 5.15 11.56 -19.52
C GLN A 254 4.86 10.27 -20.27
N LEU A 255 3.84 10.31 -21.13
CA LEU A 255 3.43 9.13 -21.87
C LEU A 255 4.54 8.66 -22.81
N PHE A 256 4.61 7.34 -23.04
CA PHE A 256 5.64 6.77 -23.91
C PHE A 256 5.41 7.19 -25.37
N ASN A 257 6.47 7.08 -26.17
CA ASN A 257 6.45 7.47 -27.59
C ASN A 257 6.20 8.97 -27.75
N THR A 258 6.92 9.76 -26.95
CA THR A 258 6.83 11.21 -27.06
C THR A 258 8.21 11.83 -26.92
N SER A 259 8.36 12.99 -27.53
CA SER A 259 9.58 13.74 -27.45
C SER A 259 9.19 15.16 -27.14
N ALA A 260 10.08 15.87 -26.47
CA ALA A 260 9.82 17.24 -26.08
C ALA A 260 10.92 18.17 -26.55
N PRO A 261 10.54 19.49 -26.76
CA PRO A 261 11.62 20.36 -27.21
C PRO A 261 12.61 20.63 -26.08
N TYR A 262 13.78 21.15 -26.39
CA TYR A 262 14.77 21.43 -25.36
C TYR A 262 14.21 22.49 -24.40
N HIS A 263 14.46 22.29 -23.12
CA HIS A 263 13.98 23.16 -22.03
C HIS A 263 15.14 23.88 -21.36
N TYR A 264 14.82 25.02 -20.75
CA TYR A 264 15.74 25.69 -19.83
C TYR A 264 14.92 26.63 -18.95
N HIS A 265 15.50 26.98 -17.79
CA HIS A 265 14.83 27.85 -16.83
C HIS A 265 15.83 28.19 -15.72
N HIS A 266 15.59 29.33 -15.08
CA HIS A 266 16.42 29.77 -13.97
C HIS A 266 16.53 28.72 -12.85
N PRO A 267 15.43 28.23 -12.27
CA PRO A 267 15.56 27.34 -11.10
C PRO A 267 16.34 26.06 -11.40
N GLN A 268 17.24 25.72 -10.48
CA GLN A 268 17.85 24.39 -10.47
C GLN A 268 16.77 23.34 -10.19
N GLU A 269 16.99 22.13 -10.71
CA GLU A 269 15.95 21.12 -10.80
C GLU A 269 16.57 19.74 -10.62
N ILE A 270 15.87 18.86 -9.90
CA ILE A 270 16.31 17.50 -9.62
C ILE A 270 15.26 16.54 -10.13
N TYR A 271 15.70 15.43 -10.73
CA TYR A 271 14.80 14.37 -11.17
C TYR A 271 15.27 13.03 -10.62
N MET A 272 14.36 12.28 -10.01
CA MET A 272 14.64 10.90 -9.61
C MET A 272 13.70 9.99 -10.37
N THR A 273 14.28 9.13 -11.23
CA THR A 273 13.49 8.27 -12.12
C THR A 273 12.89 7.11 -11.33
N LEU A 274 11.58 6.91 -11.46
CA LEU A 274 10.91 5.80 -10.79
C LEU A 274 10.62 4.64 -11.73
N THR A 275 10.42 4.95 -13.00
CA THR A 275 10.07 3.95 -14.01
C THR A 275 11.09 2.83 -14.23
N LYS A 276 10.58 1.59 -14.26
CA LYS A 276 11.41 0.42 -14.54
C LYS A 276 11.27 0.25 -16.04
N PRO A 277 12.40 0.55 -16.79
CA PRO A 277 12.22 0.42 -18.25
C PRO A 277 12.03 -1.00 -18.78
N GLN A 278 11.31 -1.11 -19.89
CA GLN A 278 11.03 -2.39 -20.54
C GLN A 278 12.16 -2.79 -21.49
N CYS A 279 12.95 -1.78 -21.89
CA CYS A 279 14.14 -1.99 -22.69
C CYS A 279 15.14 -0.92 -22.25
N ILE A 280 16.41 -1.12 -22.61
CA ILE A 280 17.46 -0.28 -22.04
C ILE A 280 17.28 1.19 -22.44
N ASP A 281 16.71 1.46 -23.62
CA ASP A 281 16.58 2.81 -24.13
C ASP A 281 15.14 3.32 -24.13
N GLN A 282 14.30 2.77 -23.25
CA GLN A 282 12.92 3.24 -23.16
C GLN A 282 12.86 4.72 -22.85
N ASN A 283 13.62 5.15 -21.86
CA ASN A 283 13.61 6.52 -21.36
C ASN A 283 15.01 7.09 -21.46
N LYS A 284 15.17 8.08 -22.34
CA LYS A 284 16.44 8.79 -22.50
C LYS A 284 16.29 10.22 -21.99
N HIS A 285 17.37 10.77 -21.48
CA HIS A 285 17.35 12.15 -21.06
C HIS A 285 18.65 12.83 -21.46
N MET A 286 18.59 14.15 -21.50
CA MET A 286 19.72 14.98 -21.87
C MET A 286 19.74 16.18 -20.93
N VAL A 287 20.91 16.50 -20.40
CA VAL A 287 21.12 17.79 -19.75
C VAL A 287 22.53 18.25 -20.09
N MET A 288 22.65 19.48 -20.57
CA MET A 288 23.96 20.05 -20.81
C MET A 288 23.94 21.50 -20.40
N HIS A 289 25.02 21.92 -19.73
CA HIS A 289 25.11 23.30 -19.26
C HIS A 289 25.06 24.27 -20.42
N TRP A 290 24.56 25.49 -20.15
CA TRP A 290 24.31 26.44 -21.21
C TRP A 290 25.59 26.81 -21.96
N ASP A 291 26.72 26.84 -21.26
CA ASP A 291 27.99 27.20 -21.86
C ASP A 291 28.77 25.99 -22.36
N ASN A 292 28.11 24.84 -22.52
CA ASN A 292 28.72 23.65 -23.10
C ASN A 292 29.16 23.91 -24.54
N ASN A 293 30.39 23.53 -24.86
CA ASN A 293 30.98 23.84 -26.17
C ASN A 293 30.37 23.04 -27.31
N GLN A 294 29.48 22.10 -27.03
CA GLN A 294 28.70 21.49 -28.11
C GLN A 294 27.73 22.47 -28.73
N PHE A 295 27.41 23.55 -28.03
CA PHE A 295 26.51 24.55 -28.55
C PHE A 295 27.26 25.83 -28.89
N LYS A 296 26.62 26.70 -29.65
CA LYS A 296 27.22 27.98 -30.02
C LYS A 296 26.52 29.05 -29.23
N GLN A 297 27.28 29.89 -28.54
CA GLN A 297 26.72 30.95 -27.73
C GLN A 297 27.06 32.35 -28.23
N LYS A 298 26.12 33.27 -28.08
CA LYS A 298 26.33 34.64 -28.47
C LYS A 298 25.68 35.48 -27.40
N ARG A 299 26.44 36.43 -26.86
CA ARG A 299 25.91 37.29 -25.82
C ARG A 299 24.74 38.08 -26.38
N SER A 300 23.79 38.40 -25.52
CA SER A 300 22.62 39.18 -25.90
C SER A 300 22.38 40.19 -24.80
N ASP A 301 21.46 41.11 -25.02
CA ASP A 301 21.17 42.10 -23.99
C ASP A 301 20.71 41.35 -22.72
N ASN A 302 21.60 41.23 -21.73
CA ASN A 302 21.30 40.53 -20.48
C ASN A 302 20.93 39.04 -20.61
N GLY A 303 21.68 38.32 -21.42
CA GLY A 303 21.47 36.90 -21.61
C GLY A 303 22.40 36.30 -22.65
N TRP A 304 22.08 35.08 -23.07
CA TRP A 304 22.83 34.36 -24.09
C TRP A 304 21.88 33.77 -25.12
N THR A 305 22.26 33.87 -26.39
CA THR A 305 21.60 33.15 -27.46
C THR A 305 22.37 31.85 -27.69
N VAL A 306 21.71 30.73 -27.45
CA VAL A 306 22.34 29.44 -27.59
C VAL A 306 21.76 28.66 -28.76
N ASN A 307 22.62 28.34 -29.72
CA ASN A 307 22.21 27.59 -30.88
C ASN A 307 22.53 26.12 -30.71
N ILE A 308 21.55 25.27 -30.97
CA ILE A 308 21.69 23.84 -30.82
C ILE A 308 21.55 23.14 -32.16
N ASP A 309 22.57 22.38 -32.52
CA ASP A 309 22.56 21.64 -33.77
C ASP A 309 22.88 20.17 -33.55
N GLY A 310 21.84 19.36 -33.47
CA GLY A 310 21.97 17.93 -33.25
C GLY A 310 21.66 17.14 -34.51
N SER A 311 21.65 17.84 -35.64
CA SER A 311 21.35 17.24 -36.92
C SER A 311 22.35 16.17 -37.32
N LYS A 312 21.92 15.29 -38.22
CA LYS A 312 22.74 14.21 -38.72
C LYS A 312 23.27 13.30 -37.61
N GLY A 313 22.37 12.90 -36.72
CA GLY A 313 22.70 12.03 -35.62
C GLY A 313 23.54 12.61 -34.49
N LYS A 314 23.94 13.86 -34.64
CA LYS A 314 24.78 14.49 -33.62
C LYS A 314 24.11 14.55 -32.24
N TRP A 315 22.78 14.55 -32.22
CA TRP A 315 22.05 14.63 -30.96
C TRP A 315 22.19 13.37 -30.11
N LYS A 316 22.37 12.21 -30.75
CA LYS A 316 22.28 10.94 -30.03
C LYS A 316 23.25 10.87 -28.86
N LYS A 317 24.47 11.37 -29.03
CA LYS A 317 25.48 11.27 -27.97
C LYS A 317 25.16 12.17 -26.79
N TRP A 318 24.26 13.13 -26.97
CA TRP A 318 23.81 13.97 -25.87
C TRP A 318 22.77 13.28 -24.97
N PHE A 319 22.19 12.16 -25.40
CA PHE A 319 21.10 11.52 -24.67
C PHE A 319 21.57 10.21 -24.05
N SER A 320 21.18 10.00 -22.79
CA SER A 320 21.59 8.84 -22.01
CA SER A 320 21.58 8.84 -22.01
C SER A 320 20.35 8.12 -21.48
N ASN A 321 20.49 6.83 -21.26
CA ASN A 321 19.37 6.01 -20.81
C ASN A 321 19.14 6.19 -19.32
N GLN A 322 17.87 6.25 -18.93
CA GLN A 322 17.45 6.42 -17.54
C GLN A 322 16.91 5.11 -16.97
N ASP A 323 17.16 4.88 -15.69
CA ASP A 323 16.62 3.72 -15.01
C ASP A 323 16.57 4.00 -13.52
N PRO A 324 15.82 3.22 -12.73
CA PRO A 324 15.68 3.56 -11.31
C PRO A 324 16.83 3.10 -10.41
N GLU A 325 17.88 2.48 -10.95
CA GLU A 325 19.00 2.02 -10.13
C GLU A 325 20.32 2.71 -10.44
N GLN A 326 20.84 2.64 -11.67
CA GLN A 326 22.16 3.22 -11.92
C GLN A 326 22.09 4.68 -12.37
N ASN A 327 21.40 4.97 -13.47
CA ASN A 327 21.20 6.35 -13.92
C ASN A 327 19.84 6.85 -13.46
N TRP A 328 19.71 7.03 -12.15
CA TRP A 328 18.42 7.38 -11.55
C TRP A 328 18.32 8.84 -11.13
N LEU A 329 19.44 9.53 -10.94
CA LEU A 329 19.41 10.87 -10.34
C LEU A 329 20.10 11.88 -11.24
N THR A 330 19.44 13.01 -11.49
CA THR A 330 20.04 14.08 -12.28
C THR A 330 19.74 15.43 -11.64
N TYR A 331 20.73 16.33 -11.65
CA TYR A 331 20.61 17.68 -11.11
C TYR A 331 20.94 18.69 -12.18
N PHE A 332 20.02 19.63 -12.43
CA PHE A 332 20.15 20.65 -13.48
C PHE A 332 20.59 21.98 -12.86
N GLU A 333 21.77 22.47 -13.26
CA GLU A 333 22.18 23.81 -12.84
C GLU A 333 21.33 24.85 -13.56
N ARG A 334 21.46 26.11 -13.14
CA ARG A 334 20.63 27.18 -13.68
C ARG A 334 20.81 27.29 -15.19
N ASN A 335 19.69 27.43 -15.90
CA ASN A 335 19.62 27.56 -17.36
C ASN A 335 20.26 26.38 -18.12
N ALA A 336 20.49 25.24 -17.47
CA ALA A 336 20.99 24.10 -18.22
C ALA A 336 19.94 23.61 -19.21
N ILE A 337 20.38 23.26 -20.41
CA ILE A 337 19.47 22.77 -21.45
C ILE A 337 19.14 21.32 -21.16
N HIS A 338 17.86 20.94 -21.23
CA HIS A 338 17.51 19.57 -20.93
C HIS A 338 16.30 19.09 -21.74
N ALA A 339 16.19 17.77 -21.85
CA ALA A 339 15.11 17.15 -22.62
C ALA A 339 14.94 15.70 -22.18
N PHE A 340 13.75 15.17 -22.46
CA PHE A 340 13.35 13.80 -22.14
C PHE A 340 12.76 13.17 -23.40
N HIS A 341 13.27 12.00 -23.78
CA HIS A 341 13.04 11.46 -25.12
C HIS A 341 12.64 10.00 -25.01
N THR A 342 11.41 9.69 -25.43
CA THR A 342 10.87 8.35 -25.28
C THR A 342 10.40 7.80 -26.62
N LEU A 343 11.22 7.98 -27.67
CA LEU A 343 10.87 7.47 -28.99
C LEU A 343 11.64 6.22 -29.41
N GLU A 344 12.75 5.92 -28.76
CA GLU A 344 13.64 4.87 -29.26
C GLU A 344 13.23 3.49 -28.79
N GLY A 345 13.74 2.48 -29.50
CA GLY A 345 13.60 1.10 -29.05
C GLY A 345 12.17 0.63 -28.90
N CYS A 346 11.90 -0.02 -27.77
CA CYS A 346 10.60 -0.66 -27.49
C CYS A 346 9.47 0.33 -27.25
N ASN A 347 9.72 1.62 -27.44
CA ASN A 347 8.63 2.58 -27.31
C ASN A 347 7.68 2.37 -28.50
N GLN A 348 8.17 1.71 -29.55
CA GLN A 348 7.38 1.44 -30.74
C GLN A 348 6.49 0.20 -30.63
N THR A 349 6.57 -0.52 -29.51
CA THR A 349 5.77 -1.73 -29.33
C THR A 349 5.04 -1.85 -27.99
N ILE A 350 5.58 -1.26 -26.93
CA ILE A 350 4.96 -1.35 -25.62
C ILE A 350 3.61 -0.63 -25.54
N LYS A 351 2.93 -0.78 -24.41
CA LYS A 351 1.63 -0.16 -24.19
C LYS A 351 1.51 0.36 -22.76
N ASN A 352 0.69 1.40 -22.57
CA ASN A 352 0.47 2.01 -21.25
C ASN A 352 1.74 2.10 -20.44
N SER A 353 2.70 2.81 -21.01
CA SER A 353 4.04 2.93 -20.45
C SER A 353 4.44 4.41 -20.50
N GLY A 354 5.59 4.74 -19.93
CA GLY A 354 6.03 6.12 -19.98
C GLY A 354 7.22 6.37 -19.08
N LEU A 355 7.44 7.65 -18.75
CA LEU A 355 8.50 8.10 -17.85
C LEU A 355 7.86 8.77 -16.64
N VAL A 356 8.14 8.25 -15.44
CA VAL A 356 7.52 8.72 -14.20
C VAL A 356 8.64 9.01 -13.20
N THR A 357 8.60 10.19 -12.57
CA THR A 357 9.71 10.63 -11.73
C THR A 357 9.21 11.29 -10.44
N VAL A 358 10.10 11.31 -9.44
CA VAL A 358 10.03 12.29 -8.36
C VAL A 358 10.77 13.53 -8.85
N TRP A 359 10.10 14.69 -8.82
CA TRP A 359 10.61 15.93 -9.40
C TRP A 359 10.78 16.99 -8.31
N ALA A 360 11.74 17.90 -8.51
CA ALA A 360 11.89 19.01 -7.58
C ALA A 360 12.56 20.20 -8.24
N ARG A 361 12.31 21.38 -7.68
CA ARG A 361 13.18 22.54 -7.87
C ARG A 361 13.63 23.07 -6.51
N THR A 362 14.82 23.67 -6.47
CA THR A 362 15.41 24.04 -5.19
C THR A 362 15.27 25.51 -4.84
N THR A 363 14.96 26.37 -5.80
CA THR A 363 14.94 27.82 -5.60
C THR A 363 13.65 28.42 -6.17
N ALA A 364 12.50 27.87 -5.75
CA ALA A 364 11.22 28.21 -6.36
C ALA A 364 10.77 29.64 -6.05
N GLN A 365 11.39 30.28 -5.07
CA GLN A 365 10.98 31.62 -4.67
C GLN A 365 11.87 32.77 -5.12
N ASP A 366 12.78 32.52 -6.03
CA ASP A 366 13.64 33.58 -6.53
C ASP A 366 13.85 33.44 -8.03
N ASN A 367 14.14 34.56 -8.69
CA ASN A 367 14.36 34.55 -10.14
C ASN A 367 13.10 34.19 -10.93
N ASN A 368 13.27 33.91 -12.20
CA ASN A 368 12.15 33.55 -13.08
C ASN A 368 11.85 32.06 -13.17
N GLN A 369 10.66 31.66 -12.72
CA GLN A 369 10.27 30.25 -12.71
C GLN A 369 9.75 29.76 -14.05
N THR A 370 9.58 30.65 -15.03
CA THR A 370 9.03 30.24 -16.33
C THR A 370 9.85 29.12 -16.95
N THR A 371 9.15 28.07 -17.39
CA THR A 371 9.77 27.00 -18.17
C THR A 371 9.89 27.46 -19.62
N GLN A 372 11.11 27.64 -20.11
CA GLN A 372 11.33 28.13 -21.46
C GLN A 372 11.57 26.98 -22.42
N LEU A 373 11.19 27.20 -23.68
CA LEU A 373 11.36 26.20 -24.72
C LEU A 373 12.25 26.77 -25.81
N CYS A 374 13.22 25.98 -26.27
CA CYS A 374 13.98 26.39 -27.44
C CYS A 374 13.12 26.27 -28.69
N ARG A 375 13.30 27.19 -29.61
CA ARG A 375 12.41 27.30 -30.76
C ARG A 375 13.12 26.83 -32.01
N PRO A 376 12.38 26.42 -33.04
CA PRO A 376 13.01 26.00 -34.30
C PRO A 376 13.86 27.11 -34.91
N MET A 377 15.03 26.72 -35.40
CA MET A 377 15.87 27.66 -36.11
C MET A 377 15.11 28.03 -37.39
N THR A 378 14.26 27.10 -37.84
CA THR A 378 13.47 27.29 -39.05
C THR A 378 12.16 28.08 -38.90
N GLY A 379 11.61 28.11 -37.69
CA GLY A 379 10.38 28.86 -37.46
C GLY A 379 9.16 28.07 -37.02
N ALA A 380 8.25 28.77 -36.35
CA ALA A 380 7.01 28.22 -35.83
C ALA A 380 6.39 27.14 -36.71
N LYS A 381 6.61 27.22 -38.01
CA LYS A 381 6.03 26.25 -38.95
C LYS A 381 6.17 24.79 -38.52
N ASP A 382 7.38 24.34 -38.21
CA ASP A 382 7.60 22.95 -37.82
C ASP A 382 7.62 22.83 -36.30
N ILE A 383 6.93 23.72 -35.61
CA ILE A 383 6.92 23.68 -34.16
C ILE A 383 6.30 22.37 -33.60
N LYS A 384 5.44 21.75 -34.38
CA LYS A 384 4.75 20.51 -34.00
C LYS A 384 5.52 19.20 -34.22
N THR A 385 6.57 19.26 -35.02
CA THR A 385 7.36 18.07 -35.35
C THR A 385 8.77 18.19 -34.79
N MET A 386 8.91 18.94 -33.71
CA MET A 386 10.19 19.17 -33.05
C MET A 386 10.77 17.96 -32.33
N LYS A 387 11.96 17.51 -32.76
CA LYS A 387 12.64 16.39 -32.12
C LYS A 387 14.07 16.83 -31.83
N PRO A 388 14.84 16.01 -31.09
CA PRO A 388 16.20 16.43 -30.72
C PRO A 388 17.14 16.66 -31.90
N GLU A 389 16.83 16.17 -33.10
CA GLU A 389 17.70 16.34 -34.26
C GLU A 389 17.46 17.64 -35.02
N ASP A 390 16.44 18.42 -34.66
CA ASP A 390 16.15 19.66 -35.36
C ASP A 390 16.91 20.82 -34.74
N LYS A 391 17.56 21.61 -35.58
CA LYS A 391 18.31 22.77 -35.10
C LYS A 391 17.38 23.73 -34.37
N ALA A 392 17.84 24.23 -33.23
CA ALA A 392 17.00 25.00 -32.32
C ALA A 392 17.78 26.17 -31.78
N ILE A 393 17.05 27.18 -31.31
CA ILE A 393 17.61 28.39 -30.75
C ILE A 393 17.00 28.61 -29.37
N CYS A 394 17.85 28.84 -28.35
CA CYS A 394 17.41 29.05 -26.98
C CYS A 394 17.82 30.44 -26.53
N ASP A 395 16.84 31.26 -26.12
CA ASP A 395 17.09 32.63 -25.68
C ASP A 395 17.14 32.66 -24.16
N LEU A 396 18.35 32.61 -23.62
CA LEU A 396 18.54 32.56 -22.17
C LEU A 396 18.59 33.97 -21.60
N ASP A 397 18.01 34.14 -20.42
CA ASP A 397 18.11 35.37 -19.66
C ASP A 397 19.05 35.18 -18.48
N ASP A 398 19.81 36.22 -18.18
CA ASP A 398 20.64 36.23 -16.97
C ASP A 398 19.74 36.13 -15.73
N TRP A 399 20.29 35.57 -14.66
CA TRP A 399 19.61 35.54 -13.38
C TRP A 399 20.29 36.49 -12.38
N LYS A 400 19.58 36.80 -11.29
CA LYS A 400 20.13 37.71 -10.30
C LYS A 400 20.92 36.93 -9.24
N PRO A 401 22.09 37.44 -8.84
CA PRO A 401 22.96 36.77 -7.85
C PRO A 401 22.36 36.77 -6.45
N ALA B 22 -31.83 -25.14 29.10
CA ALA B 22 -31.04 -26.05 28.31
C ALA B 22 -30.02 -26.80 29.17
N GLN B 23 -29.60 -27.97 28.68
CA GLN B 23 -28.63 -28.78 29.39
C GLN B 23 -27.27 -28.69 28.71
N PHE B 24 -26.27 -28.29 29.47
CA PHE B 24 -24.93 -28.14 28.96
C PHE B 24 -24.00 -29.25 29.44
N GLN B 25 -23.30 -29.88 28.50
CA GLN B 25 -22.34 -30.91 28.85
C GLN B 25 -20.99 -30.34 28.44
N CYS B 26 -20.08 -30.19 29.41
CA CYS B 26 -18.79 -29.62 29.11
C CYS B 26 -17.85 -30.66 28.50
N GLN B 27 -16.83 -30.16 27.80
CA GLN B 27 -15.73 -30.98 27.32
C GLN B 27 -15.03 -31.70 28.47
N ASP B 28 -14.39 -32.82 28.13
CA ASP B 28 -13.84 -33.71 29.14
C ASP B 28 -12.68 -33.09 29.91
N ASP B 29 -11.99 -32.09 29.36
CA ASP B 29 -10.88 -31.47 30.07
C ASP B 29 -11.30 -30.22 30.83
N VAL B 30 -12.59 -30.07 31.08
CA VAL B 30 -13.05 -28.95 31.88
C VAL B 30 -13.08 -29.48 33.32
N LYS B 31 -12.25 -28.91 34.19
CA LYS B 31 -12.19 -29.37 35.56
C LYS B 31 -12.68 -28.38 36.59
N PRO B 32 -13.26 -28.95 37.72
CA PRO B 32 -13.72 -27.98 38.71
C PRO B 32 -12.52 -27.33 39.40
N THR B 33 -12.62 -26.04 39.72
CA THR B 33 -11.53 -25.35 40.40
C THR B 33 -12.07 -24.30 41.35
N SER B 34 -11.56 -24.29 42.58
CA SER B 34 -11.97 -23.32 43.58
C SER B 34 -11.12 -22.08 43.46
N TYR B 35 -11.76 -20.91 43.56
CA TYR B 35 -11.04 -19.66 43.45
C TYR B 35 -11.25 -18.80 44.68
N THR B 36 -10.24 -18.02 45.02
CA THR B 36 -10.37 -17.11 46.13
C THR B 36 -11.27 -16.03 45.60
N THR B 37 -11.71 -15.12 46.45
CA THR B 37 -12.57 -14.04 46.00
C THR B 37 -11.87 -13.18 44.96
N GLU B 38 -10.58 -12.94 45.13
CA GLU B 38 -9.83 -12.11 44.19
C GLU B 38 -9.67 -12.82 42.85
N GLU B 39 -9.37 -14.12 42.86
CA GLU B 39 -9.26 -14.85 41.61
C GLU B 39 -10.59 -14.92 40.87
N GLN B 40 -11.68 -15.15 41.59
CA GLN B 40 -12.99 -15.22 40.94
C GLN B 40 -13.33 -13.92 40.23
N LYS B 41 -12.96 -12.78 40.84
CA LYS B 41 -13.16 -11.49 40.21
C LYS B 41 -12.42 -11.41 38.87
N LEU B 42 -11.16 -11.85 38.85
CA LEU B 42 -10.39 -11.84 37.60
C LEU B 42 -10.99 -12.81 36.57
N VAL B 43 -11.45 -13.98 37.01
CA VAL B 43 -12.10 -14.89 36.08
C VAL B 43 -13.38 -14.27 35.54
N ASP B 44 -14.12 -13.57 36.41
CA ASP B 44 -15.42 -13.01 36.03
C ASP B 44 -15.27 -11.95 34.95
N GLN B 45 -14.23 -11.12 35.04
CA GLN B 45 -14.01 -10.06 34.05
C GLN B 45 -13.73 -10.67 32.68
N PHE B 46 -12.96 -11.75 32.67
CA PHE B 46 -12.69 -12.51 31.46
C PHE B 46 -13.99 -13.06 30.87
N TRP B 47 -14.81 -13.72 31.70
CA TRP B 47 -16.08 -14.26 31.25
C TRP B 47 -17.00 -13.17 30.74
N ASN B 48 -17.02 -12.02 31.42
CA ASN B 48 -17.93 -10.94 31.01
C ASN B 48 -17.56 -10.40 29.64
N GLU B 49 -16.26 -10.25 29.34
CA GLU B 49 -15.89 -9.76 28.01
C GLU B 49 -16.07 -10.84 26.95
N SER B 50 -15.92 -12.10 27.34
CA SER B 50 -16.22 -13.22 26.45
C SER B 50 -17.68 -13.20 26.02
N LEU B 51 -18.59 -12.95 26.97
CA LEU B 51 -20.02 -12.89 26.66
C LEU B 51 -20.34 -11.74 25.71
N ILE B 52 -19.66 -10.60 25.88
CA ILE B 52 -19.84 -9.50 24.94
C ILE B 52 -19.36 -9.92 23.56
N TYR B 53 -18.15 -10.50 23.50
CA TYR B 53 -17.61 -10.99 22.24
C TYR B 53 -18.58 -11.92 21.52
N LEU B 54 -19.22 -12.84 22.25
CA LEU B 54 -20.11 -13.83 21.66
C LEU B 54 -21.46 -13.23 21.28
N ASP B 55 -21.97 -12.30 22.08
CA ASP B 55 -23.21 -11.62 21.72
C ASP B 55 -23.03 -10.78 20.46
N GLN B 56 -21.90 -10.08 20.35
CA GLN B 56 -21.60 -9.35 19.12
C GLN B 56 -21.42 -10.30 17.94
N TYR B 57 -20.82 -11.48 18.17
CA TYR B 57 -20.68 -12.44 17.08
C TYR B 57 -22.04 -12.87 16.55
N LEU B 58 -22.96 -13.19 17.46
CA LEU B 58 -24.33 -13.54 17.09
C LEU B 58 -24.97 -12.45 16.24
N LYS B 59 -24.85 -11.20 16.69
CA LYS B 59 -25.45 -10.09 15.96
C LYS B 59 -24.79 -9.90 14.60
N ALA B 60 -23.50 -10.19 14.48
CA ALA B 60 -22.84 -10.03 13.18
C ALA B 60 -23.33 -11.03 12.17
N LEU B 61 -23.66 -12.26 12.60
CA LEU B 61 -24.28 -13.24 11.72
C LEU B 61 -25.70 -12.85 11.33
N GLU B 62 -26.49 -12.39 12.29
CA GLU B 62 -27.93 -12.28 12.10
C GLU B 62 -28.39 -10.94 11.54
N THR B 63 -27.60 -9.87 11.67
CA THR B 63 -28.06 -8.55 11.25
C THR B 63 -27.95 -8.46 9.73
N PRO B 64 -29.06 -8.18 9.01
CA PRO B 64 -29.01 -8.18 7.55
C PRO B 64 -28.10 -7.08 7.01
N THR B 65 -27.41 -7.39 5.91
CA THR B 65 -26.55 -6.45 5.20
C THR B 65 -26.67 -6.71 3.70
N GLY B 66 -26.14 -5.78 2.91
CA GLY B 66 -26.20 -5.94 1.47
C GLY B 66 -27.63 -6.05 0.99
N GLN B 67 -27.88 -7.01 0.10
CA GLN B 67 -29.23 -7.30 -0.36
C GLN B 67 -29.84 -8.51 0.34
N CYS B 68 -29.21 -8.99 1.39
CA CYS B 68 -29.78 -10.06 2.19
C CYS B 68 -30.83 -9.49 3.13
N LYS B 69 -32.02 -10.09 3.15
CA LYS B 69 -33.11 -9.60 3.99
C LYS B 69 -33.03 -10.10 5.43
N ASP B 70 -32.48 -11.29 5.66
CA ASP B 70 -32.64 -11.94 6.95
C ASP B 70 -31.34 -12.22 7.70
N SER B 71 -30.18 -12.02 7.08
CA SER B 71 -28.90 -12.27 7.74
C SER B 71 -27.79 -11.60 6.94
N ALA B 72 -26.56 -11.75 7.41
CA ALA B 72 -25.47 -10.98 6.83
C ALA B 72 -25.05 -11.55 5.48
N GLN B 73 -24.73 -10.67 4.54
CA GLN B 73 -24.27 -11.05 3.20
C GLN B 73 -22.78 -11.38 3.23
N ALA B 74 -22.43 -12.63 2.98
CA ALA B 74 -21.05 -13.08 3.06
C ALA B 74 -20.47 -13.36 1.67
N THR B 75 -19.18 -13.09 1.50
CA THR B 75 -18.49 -13.55 0.30
C THR B 75 -18.21 -15.05 0.44
N ILE B 76 -18.62 -15.84 -0.55
CA ILE B 76 -18.28 -17.26 -0.53
C ILE B 76 -17.32 -17.64 -1.64
N GLN B 77 -17.24 -16.87 -2.72
CA GLN B 77 -16.17 -17.03 -3.70
C GLN B 77 -15.71 -15.65 -4.12
N THR B 78 -14.41 -15.39 -3.98
CA THR B 78 -13.85 -14.14 -4.48
C THR B 78 -13.84 -14.10 -5.99
N TYR B 79 -13.93 -15.26 -6.65
CA TYR B 79 -13.95 -15.31 -8.11
C TYR B 79 -14.71 -16.56 -8.55
N ASN B 80 -15.95 -16.37 -9.00
CA ASN B 80 -16.72 -17.40 -9.65
C ASN B 80 -16.29 -17.51 -11.10
N SER B 81 -15.99 -18.73 -11.56
CA SER B 81 -15.34 -18.87 -12.86
C SER B 81 -16.33 -18.63 -14.01
N GLU B 82 -17.61 -18.90 -13.78
CA GLU B 82 -18.61 -18.72 -14.83
C GLU B 82 -19.03 -17.26 -14.98
N THR B 83 -19.10 -16.52 -13.86
CA THR B 83 -19.46 -15.11 -13.91
C THR B 83 -18.25 -14.19 -13.96
N GLY B 84 -17.08 -14.64 -13.52
CA GLY B 84 -15.92 -13.77 -13.42
C GLY B 84 -16.05 -12.70 -12.35
N LYS B 85 -16.92 -12.91 -11.37
CA LYS B 85 -17.20 -11.92 -10.33
C LYS B 85 -17.26 -12.65 -8.99
N MET B 86 -17.22 -11.86 -7.93
CA MET B 86 -17.44 -12.40 -6.59
C MET B 86 -18.82 -13.01 -6.48
N GLN B 87 -18.96 -13.95 -5.55
CA GLN B 87 -20.21 -14.63 -5.30
C GLN B 87 -20.49 -14.56 -3.80
N THR B 88 -21.75 -14.32 -3.44
CA THR B 88 -22.12 -14.09 -2.05
C THR B 88 -23.27 -15.01 -1.67
N GLN B 89 -23.46 -15.15 -0.36
CA GLN B 89 -24.60 -15.88 0.17
C GLN B 89 -24.99 -15.24 1.50
N CYS B 90 -26.28 -15.21 1.77
CA CYS B 90 -26.76 -14.82 3.08
C CYS B 90 -26.37 -15.90 4.10
N ILE B 91 -25.60 -15.52 5.12
CA ILE B 91 -24.77 -16.49 5.82
C ILE B 91 -25.59 -17.46 6.65
N MET B 92 -26.79 -17.06 7.10
CA MET B 92 -27.63 -17.98 7.88
C MET B 92 -28.37 -19.00 7.02
N LYS B 93 -28.18 -18.96 5.70
CA LYS B 93 -28.71 -20.03 4.84
C LYS B 93 -28.01 -21.36 5.10
N TYR B 94 -26.81 -21.33 5.65
CA TYR B 94 -26.04 -22.54 5.93
C TYR B 94 -26.48 -23.12 7.25
N ARG B 95 -26.80 -24.42 7.26
CA ARG B 95 -27.34 -25.06 8.46
C ARG B 95 -26.33 -25.08 9.59
N ASP B 96 -25.04 -25.21 9.28
CA ASP B 96 -24.02 -25.17 10.33
C ASP B 96 -23.93 -23.78 10.97
N VAL B 97 -24.22 -22.72 10.20
CA VAL B 97 -24.24 -21.38 10.77
C VAL B 97 -25.48 -21.17 11.63
N GLU B 98 -26.64 -21.64 11.16
CA GLU B 98 -27.85 -21.65 11.97
C GLU B 98 -27.60 -22.29 13.33
N LEU B 99 -26.80 -23.37 13.37
CA LEU B 99 -26.54 -24.09 14.61
C LEU B 99 -25.57 -23.33 15.51
N VAL B 100 -24.56 -22.66 14.95
CA VAL B 100 -23.73 -21.76 15.77
C VAL B 100 -24.61 -20.70 16.43
N ALA B 101 -25.49 -20.08 15.64
CA ALA B 101 -26.38 -19.06 16.18
C ALA B 101 -27.27 -19.64 17.28
N LYS B 102 -27.84 -20.83 17.04
CA LYS B 102 -28.67 -21.49 18.03
C LYS B 102 -27.90 -21.72 19.33
N HIS B 103 -26.64 -22.16 19.23
CA HIS B 103 -25.89 -22.48 20.44
C HIS B 103 -25.40 -21.22 21.15
N LEU B 104 -25.00 -20.20 20.39
CA LEU B 104 -24.68 -18.91 21.03
C LEU B 104 -25.89 -18.36 21.78
N LYS B 105 -27.09 -18.44 21.20
CA LYS B 105 -28.27 -17.96 21.91
C LYS B 105 -28.47 -18.67 23.23
N ALA B 106 -28.19 -19.98 23.28
CA ALA B 106 -28.37 -20.73 24.51
C ALA B 106 -27.35 -20.34 25.56
N VAL B 107 -26.09 -20.15 25.14
CA VAL B 107 -25.07 -19.62 26.06
C VAL B 107 -25.52 -18.29 26.65
N LEU B 108 -25.99 -17.39 25.78
CA LEU B 108 -26.32 -16.04 26.22
C LEU B 108 -27.58 -16.03 27.07
N ALA B 109 -28.50 -16.98 26.83
CA ALA B 109 -29.74 -17.06 27.60
C ALA B 109 -29.52 -17.63 28.99
N GLU B 110 -28.55 -18.54 29.16
CA GLU B 110 -28.26 -19.15 30.46
C GLU B 110 -26.76 -19.07 30.73
N PRO B 111 -26.21 -17.88 30.88
CA PRO B 111 -24.75 -17.75 30.98
C PRO B 111 -24.16 -18.43 32.20
N ASP B 112 -24.92 -18.54 33.30
CA ASP B 112 -24.44 -19.26 34.47
C ASP B 112 -24.22 -20.74 34.15
N LYS B 113 -25.13 -21.36 33.39
CA LYS B 113 -24.94 -22.75 33.00
C LYS B 113 -23.72 -22.90 32.09
N ALA B 114 -23.60 -22.03 31.08
CA ALA B 114 -22.45 -22.11 30.19
C ALA B 114 -21.14 -21.84 30.91
N LYS B 115 -21.16 -20.99 31.94
CA LYS B 115 -19.94 -20.64 32.67
C LYS B 115 -19.33 -21.86 33.34
N ALA B 116 -20.12 -22.91 33.59
CA ALA B 116 -19.57 -24.15 34.11
C ALA B 116 -18.53 -24.75 33.16
N CYS B 117 -18.59 -24.42 31.88
CA CYS B 117 -17.66 -24.93 30.88
C CYS B 117 -16.55 -23.95 30.51
N PHE B 118 -16.37 -22.89 31.29
CA PHE B 118 -15.39 -21.84 31.03
C PHE B 118 -14.24 -21.98 32.02
N ASP B 119 -13.01 -21.88 31.53
CA ASP B 119 -11.90 -21.68 32.46
C ASP B 119 -10.80 -20.87 31.80
N PRO B 120 -10.00 -20.14 32.60
CA PRO B 120 -9.01 -19.22 32.01
C PRO B 120 -7.81 -19.92 31.38
N GLN B 121 -7.77 -21.26 31.38
CA GLN B 121 -6.65 -22.00 30.82
C GLN B 121 -5.33 -21.56 31.44
N LYS B 122 -5.35 -21.34 32.77
CA LYS B 122 -4.14 -21.00 33.49
C LYS B 122 -3.18 -22.19 33.58
N ASN B 123 -3.72 -23.40 33.60
CA ASN B 123 -2.91 -24.61 33.73
C ASN B 123 -3.31 -25.60 32.65
N TYR B 124 -3.45 -25.11 31.42
CA TYR B 124 -3.91 -25.93 30.31
C TYR B 124 -2.76 -26.82 29.86
N LYS B 125 -3.01 -28.12 29.78
CA LYS B 125 -1.94 -29.10 29.61
C LYS B 125 -1.66 -29.44 28.15
N ALA B 126 -2.66 -29.38 27.27
CA ALA B 126 -2.54 -29.97 25.94
C ALA B 126 -1.40 -29.36 25.13
N PHE B 127 -1.21 -28.05 25.18
CA PHE B 127 -0.13 -27.41 24.43
C PHE B 127 0.05 -26.00 24.96
N PRO B 128 1.19 -25.37 24.67
CA PRO B 128 1.46 -24.05 25.25
C PRO B 128 0.56 -22.98 24.66
N LEU B 129 0.15 -22.07 25.52
CA LEU B 129 -0.61 -20.86 25.19
C LEU B 129 0.22 -19.64 25.61
N TYR B 130 0.17 -18.57 24.82
CA TYR B 130 1.07 -17.44 25.06
C TYR B 130 0.32 -16.12 25.17
N THR B 131 1.02 -15.14 25.71
CA THR B 131 0.69 -13.71 25.65
C THR B 131 1.78 -13.01 24.83
N PRO B 132 1.41 -12.09 23.92
CA PRO B 132 2.46 -11.49 23.05
C PRO B 132 3.66 -10.91 23.78
N SER B 133 3.45 -10.16 24.86
CA SER B 133 4.53 -9.40 25.46
C SER B 133 4.10 -8.96 26.86
N ALA B 134 5.09 -8.48 27.63
CA ALA B 134 4.81 -7.91 28.94
C ALA B 134 3.90 -6.70 28.83
N HIS B 135 4.07 -5.89 27.78
CA HIS B 135 3.20 -4.73 27.58
C HIS B 135 1.75 -5.17 27.42
N VAL B 136 1.50 -6.15 26.56
CA VAL B 136 0.14 -6.65 26.34
C VAL B 136 -0.39 -7.33 27.60
N GLN B 137 0.44 -8.15 28.24
CA GLN B 137 0.07 -8.81 29.49
C GLN B 137 -0.39 -7.81 30.55
N ASN B 138 0.27 -6.64 30.60
CA ASN B 138 -0.05 -5.59 31.56
C ASN B 138 -1.35 -4.88 31.25
N LEU B 139 -1.99 -5.17 30.13
CA LEU B 139 -3.26 -4.53 29.81
C LEU B 139 -4.40 -4.97 30.72
N SER B 140 -4.24 -6.03 31.51
CA SER B 140 -5.36 -6.45 32.34
C SER B 140 -4.85 -7.23 33.54
N ALA B 141 -5.54 -7.06 34.66
CA ALA B 141 -5.18 -7.81 35.85
C ALA B 141 -5.36 -9.29 35.63
N THR B 142 -6.36 -9.68 34.83
CA THR B 142 -6.55 -11.11 34.55
C THR B 142 -5.33 -11.70 33.87
N SER B 143 -4.80 -11.02 32.85
CA SER B 143 -3.69 -11.61 32.09
C SER B 143 -2.42 -11.67 32.93
N LYS B 144 -2.16 -10.63 33.73
CA LYS B 144 -1.01 -10.70 34.63
C LYS B 144 -1.12 -11.88 35.58
N TRP B 145 -2.33 -12.16 36.09
CA TRP B 145 -2.51 -13.29 36.98
C TRP B 145 -2.33 -14.62 36.25
N ILE B 146 -2.83 -14.72 35.02
CA ILE B 146 -2.72 -15.98 34.29
C ILE B 146 -1.26 -16.30 34.00
N ASN B 147 -0.47 -15.28 33.68
CA ASN B 147 0.98 -15.37 33.58
C ASN B 147 1.42 -16.41 32.54
N ARG B 148 0.88 -16.27 31.33
CA ARG B 148 1.32 -17.12 30.23
C ARG B 148 2.77 -16.82 29.87
N PRO B 149 3.49 -17.80 29.32
CA PRO B 149 4.78 -17.49 28.72
C PRO B 149 4.63 -16.47 27.60
N LEU B 150 5.66 -15.66 27.42
CA LEU B 150 5.65 -14.52 26.51
C LEU B 150 6.24 -14.86 25.14
N LEU B 151 5.58 -14.37 24.09
CA LEU B 151 6.10 -14.62 22.75
C LEU B 151 7.36 -13.80 22.46
N THR B 152 7.54 -12.66 23.15
CA THR B 152 8.81 -11.96 23.04
C THR B 152 9.96 -12.88 23.46
N ASP B 153 9.77 -13.62 24.55
CA ASP B 153 10.75 -14.61 24.99
C ASP B 153 10.87 -15.77 24.01
N TYR B 154 9.73 -16.25 23.51
CA TYR B 154 9.73 -17.39 22.60
C TYR B 154 10.50 -17.08 21.33
N TYR B 155 10.36 -15.86 20.80
CA TYR B 155 10.99 -15.56 19.52
C TYR B 155 12.44 -15.11 19.69
N LYS B 156 12.80 -14.57 20.85
CA LYS B 156 14.22 -14.33 21.11
C LYS B 156 15.01 -15.64 21.09
N LYS B 157 14.43 -16.71 21.65
CA LYS B 157 15.12 -17.99 21.67
C LYS B 157 15.23 -18.55 20.26
N ILE B 158 14.16 -18.46 19.47
CA ILE B 158 14.18 -19.05 18.13
C ILE B 158 15.19 -18.35 17.24
N GLY B 159 15.17 -17.01 17.22
CA GLY B 159 16.16 -16.25 16.49
C GLY B 159 16.01 -16.32 14.98
N GLY B 160 17.01 -15.78 14.30
CA GLY B 160 16.96 -15.78 12.84
C GLY B 160 15.79 -14.98 12.29
N GLU B 161 15.40 -15.32 11.07
CA GLU B 161 14.41 -14.52 10.36
C GLU B 161 13.00 -14.80 10.87
N ILE B 162 12.69 -16.05 11.22
CA ILE B 162 11.43 -16.34 11.92
C ILE B 162 11.35 -15.51 13.19
N GLY B 163 12.44 -15.49 13.95
CA GLY B 163 12.45 -14.76 15.21
C GLY B 163 12.35 -13.26 15.03
N ALA B 164 13.01 -12.72 14.00
CA ALA B 164 12.93 -11.28 13.75
C ALA B 164 11.49 -10.87 13.43
N ALA B 165 10.79 -11.70 12.64
CA ALA B 165 9.40 -11.41 12.32
C ALA B 165 8.51 -11.54 13.57
N GLY B 166 8.78 -12.55 14.39
CA GLY B 166 7.96 -12.75 15.57
C GLY B 166 8.10 -11.62 16.55
N LEU B 167 9.32 -11.09 16.68
CA LEU B 167 9.55 -9.94 17.56
C LEU B 167 8.91 -8.68 16.99
N GLU B 168 8.98 -8.48 15.68
CA GLU B 168 8.33 -7.31 15.11
C GLU B 168 6.83 -7.34 15.39
N LEU B 169 6.20 -8.49 15.21
CA LEU B 169 4.77 -8.62 15.48
C LEU B 169 4.47 -8.45 16.98
N ASN B 170 5.19 -9.16 17.83
CA ASN B 170 4.76 -9.21 19.22
C ASN B 170 5.21 -8.01 20.04
N GLU B 171 6.32 -7.36 19.66
CA GLU B 171 6.69 -6.09 20.30
C GLU B 171 5.76 -4.96 19.92
N ASN B 172 4.98 -5.12 18.85
CA ASN B 172 4.10 -4.07 18.36
C ASN B 172 2.66 -4.56 18.28
N PHE B 173 2.34 -5.57 19.09
CA PHE B 173 1.05 -6.23 19.03
C PHE B 173 -0.10 -5.25 19.27
N LEU B 174 0.01 -4.39 20.28
CA LEU B 174 -1.13 -3.52 20.58
C LEU B 174 -1.37 -2.52 19.45
N GLU B 175 -0.30 -1.99 18.87
CA GLU B 175 -0.46 -1.06 17.76
C GLU B 175 -1.10 -1.74 16.56
N ILE B 176 -0.64 -2.94 16.23
CA ILE B 176 -1.17 -3.65 15.06
C ILE B 176 -2.65 -4.00 15.26
N THR B 177 -3.00 -4.56 16.42
CA THR B 177 -4.37 -4.98 16.66
C THR B 177 -5.31 -3.83 16.97
N SER B 178 -4.80 -2.62 17.22
CA SER B 178 -5.66 -1.48 17.49
C SER B 178 -6.05 -0.72 16.23
N ARG B 179 -5.45 -1.03 15.09
CA ARG B 179 -5.75 -0.33 13.85
C ARG B 179 -7.00 -0.94 13.22
N THR B 180 -8.13 -0.71 13.91
CA THR B 180 -9.39 -1.38 13.59
C THR B 180 -10.51 -0.34 13.63
N ASP B 181 -11.56 -0.59 12.85
CA ASP B 181 -12.77 0.23 12.87
C ASP B 181 -13.96 -0.71 12.86
N THR B 182 -14.64 -0.83 14.00
CA THR B 182 -15.79 -1.72 14.16
C THR B 182 -17.12 -0.96 14.21
N THR B 183 -17.14 0.32 13.85
CA THR B 183 -18.34 1.13 14.04
C THR B 183 -19.49 0.72 13.12
N LEU B 184 -19.20 0.17 11.94
CA LEU B 184 -20.29 -0.07 10.99
C LEU B 184 -21.06 -1.36 11.28
N HIS B 185 -20.37 -2.46 11.60
CA HIS B 185 -21.05 -3.75 11.71
C HIS B 185 -21.11 -4.30 13.12
N TRP B 186 -20.59 -3.58 14.11
CA TRP B 186 -20.65 -4.01 15.50
C TRP B 186 -21.24 -2.89 16.33
N THR B 187 -22.06 -3.25 17.32
CA THR B 187 -22.65 -2.25 18.21
C THR B 187 -21.82 -2.02 19.47
N LYS B 188 -20.96 -2.98 19.83
CA LYS B 188 -19.93 -2.77 20.83
C LYS B 188 -18.58 -3.17 20.24
N ASP B 189 -17.54 -2.41 20.53
CA ASP B 189 -16.25 -2.70 19.89
C ASP B 189 -15.69 -4.01 20.42
N VAL B 190 -15.49 -4.98 19.51
CA VAL B 190 -14.91 -6.27 19.87
C VAL B 190 -13.38 -6.30 19.78
N SER B 191 -12.76 -5.19 19.39
CA SER B 191 -11.31 -5.13 19.24
C SER B 191 -10.61 -5.05 20.60
N ILE B 192 -9.27 -5.16 20.58
CA ILE B 192 -8.46 -5.02 21.79
C ILE B 192 -8.74 -3.71 22.50
N LYS B 193 -9.13 -2.67 21.76
CA LYS B 193 -9.37 -1.37 22.41
C LYS B 193 -10.62 -1.41 23.28
N GLY B 194 -11.59 -2.25 22.95
CA GLY B 194 -12.84 -2.28 23.69
C GLY B 194 -12.96 -3.42 24.67
N LEU B 195 -12.24 -4.52 24.41
CA LEU B 195 -12.24 -5.71 25.26
C LEU B 195 -10.79 -6.07 25.61
N PRO B 196 -10.12 -5.23 26.40
CA PRO B 196 -8.68 -5.47 26.64
C PRO B 196 -8.40 -6.69 27.50
N THR B 197 -9.26 -6.98 28.49
CA THR B 197 -9.10 -8.21 29.25
C THR B 197 -9.19 -9.43 28.34
N LEU B 198 -10.19 -9.46 27.44
CA LEU B 198 -10.33 -10.59 26.53
C LEU B 198 -9.07 -10.81 25.70
N TRP B 199 -8.67 -9.78 24.94
CA TRP B 199 -7.54 -9.92 24.03
C TRP B 199 -6.23 -10.18 24.74
N SER B 200 -6.03 -9.61 25.95
CA SER B 200 -4.77 -9.87 26.65
C SER B 200 -4.75 -11.22 27.36
N SER B 201 -5.90 -11.84 27.62
CA SER B 201 -5.99 -13.02 28.47
C SER B 201 -6.15 -14.32 27.72
N VAL B 202 -6.76 -14.28 26.53
CA VAL B 202 -6.90 -15.47 25.71
C VAL B 202 -5.52 -15.99 25.31
N GLY B 203 -5.44 -17.30 25.07
CA GLY B 203 -4.19 -17.95 24.74
C GLY B 203 -3.79 -17.84 23.28
N TRP B 204 -2.73 -17.08 23.00
CA TRP B 204 -2.27 -16.87 21.63
C TRP B 204 -1.32 -17.99 21.20
N ILE B 205 -1.44 -18.38 19.92
CA ILE B 205 -0.74 -19.53 19.39
C ILE B 205 0.05 -19.14 18.14
N PRO B 206 1.38 -19.28 18.14
CA PRO B 206 2.19 -19.10 16.91
C PRO B 206 2.08 -20.32 16.00
N PHE B 207 0.92 -20.42 15.36
CA PHE B 207 0.45 -21.68 14.76
C PHE B 207 1.40 -22.19 13.68
N TYR B 208 2.13 -21.30 13.00
CA TYR B 208 3.01 -21.65 11.88
C TYR B 208 4.49 -21.52 12.21
N ALA B 209 4.86 -21.13 13.42
CA ALA B 209 6.27 -20.90 13.73
C ALA B 209 7.15 -22.14 13.53
N GLU B 210 6.59 -23.33 13.74
CA GLU B 210 7.37 -24.56 13.69
C GLU B 210 6.97 -25.45 12.52
N ASN B 211 6.33 -24.88 11.51
CA ASN B 211 5.85 -25.63 10.35
C ASN B 211 6.69 -25.29 9.12
N PRO B 212 7.66 -26.13 8.75
CA PRO B 212 8.49 -25.82 7.57
C PRO B 212 7.73 -25.73 6.27
N ASN B 213 6.50 -26.28 6.19
CA ASN B 213 5.68 -26.20 4.99
C ASN B 213 4.88 -24.92 4.87
N ALA B 214 4.93 -24.04 5.87
CA ALA B 214 4.03 -22.89 5.92
C ALA B 214 4.55 -21.67 5.16
N GLY B 215 5.66 -21.79 4.43
CA GLY B 215 6.06 -20.70 3.57
C GLY B 215 7.17 -19.85 4.13
N SER B 216 7.11 -18.54 3.87
CA SER B 216 8.20 -17.64 4.24
C SER B 216 8.43 -17.58 5.76
N ASP B 217 9.67 -17.25 6.14
CA ASP B 217 10.00 -17.06 7.56
C ASP B 217 9.22 -15.91 8.18
N ARG B 218 8.96 -14.84 7.41
CA ARG B 218 8.19 -13.71 7.95
C ARG B 218 6.73 -14.07 8.19
N PHE B 219 6.11 -14.81 7.27
CA PHE B 219 4.75 -15.28 7.56
C PHE B 219 4.74 -16.17 8.80
N ARG B 220 5.72 -17.07 8.90
CA ARG B 220 5.74 -18.05 9.99
C ARG B 220 5.90 -17.36 11.35
N GLY B 221 6.83 -16.41 11.45
CA GLY B 221 6.95 -15.66 12.68
C GLY B 221 5.86 -14.63 12.87
N GLY B 222 5.24 -14.18 11.78
CA GLY B 222 4.28 -13.09 11.81
C GLY B 222 2.82 -13.49 11.92
N TYR B 223 2.51 -14.71 12.38
CA TYR B 223 1.13 -15.18 12.45
C TYR B 223 0.77 -15.61 13.88
N LEU B 224 -0.44 -15.27 14.30
CA LEU B 224 -0.98 -15.63 15.60
C LEU B 224 -2.49 -15.86 15.46
N TYR B 225 -3.02 -16.76 16.29
CA TYR B 225 -4.46 -16.83 16.48
C TYR B 225 -4.75 -17.25 17.91
N ALA B 226 -5.98 -17.04 18.34
CA ALA B 226 -6.42 -17.40 19.68
C ALA B 226 -7.86 -17.86 19.61
N GLU B 227 -8.25 -18.68 20.59
CA GLU B 227 -9.58 -19.29 20.62
C GLU B 227 -10.31 -18.93 21.92
N VAL B 228 -11.39 -18.16 21.81
CA VAL B 228 -12.24 -17.85 22.96
C VAL B 228 -13.12 -19.05 23.30
N MET B 229 -13.86 -19.54 22.30
CA MET B 229 -14.82 -20.60 22.49
C MET B 229 -14.51 -21.73 21.50
N GLY B 230 -14.55 -22.95 21.98
CA GLY B 230 -14.40 -24.10 21.12
C GLY B 230 -13.76 -25.24 21.89
N PRO B 231 -13.41 -26.32 21.19
CA PRO B 231 -12.86 -27.49 21.90
C PRO B 231 -11.50 -27.22 22.54
N TRP B 232 -10.82 -26.11 22.20
CA TRP B 232 -9.52 -25.74 22.77
C TRP B 232 -9.51 -24.31 23.30
N GLY B 233 -10.69 -23.73 23.55
CA GLY B 233 -10.81 -22.35 23.93
C GLY B 233 -10.96 -22.19 25.43
N ASN B 234 -11.39 -20.99 25.84
CA ASN B 234 -11.71 -20.79 27.25
C ASN B 234 -13.09 -21.35 27.59
N LEU B 235 -14.06 -21.22 26.67
CA LEU B 235 -15.39 -21.82 26.82
C LEU B 235 -15.45 -23.11 26.01
N ARG B 236 -15.52 -24.25 26.70
CA ARG B 236 -15.38 -25.56 26.08
C ARG B 236 -16.62 -26.40 26.38
N ILE B 237 -17.69 -26.14 25.62
CA ILE B 237 -18.95 -26.86 25.75
C ILE B 237 -18.94 -28.01 24.75
N LYS B 238 -19.20 -29.24 25.23
CA LYS B 238 -19.27 -30.38 24.33
C LYS B 238 -20.63 -30.47 23.65
N GLU B 239 -21.72 -30.41 24.43
CA GLU B 239 -23.06 -30.53 23.88
C GLU B 239 -24.01 -29.59 24.58
N ILE B 240 -25.01 -29.11 23.83
CA ILE B 240 -26.16 -28.41 24.37
C ILE B 240 -27.39 -29.19 23.94
N ASP B 241 -28.20 -29.63 24.93
CA ASP B 241 -29.42 -30.41 24.66
C ASP B 241 -29.14 -31.56 23.68
N GLY B 242 -28.04 -32.26 23.92
CA GLY B 242 -27.68 -33.38 23.06
C GLY B 242 -27.20 -33.02 21.68
N GLU B 243 -26.93 -31.74 21.39
CA GLU B 243 -26.36 -31.32 20.12
C GLU B 243 -24.88 -31.00 20.31
N LYS B 244 -24.03 -31.60 19.47
CA LYS B 244 -22.60 -31.27 19.51
C LYS B 244 -22.40 -29.81 19.11
N VAL B 245 -21.68 -29.05 19.93
CA VAL B 245 -21.41 -27.65 19.59
C VAL B 245 -20.21 -27.61 18.64
N GLY B 246 -20.47 -27.23 17.39
CA GLY B 246 -19.39 -27.07 16.43
C GLY B 246 -18.67 -25.73 16.54
N ALA B 247 -19.28 -24.75 17.20
CA ALA B 247 -18.76 -23.39 17.16
C ALA B 247 -17.36 -23.31 17.75
N GLU B 248 -16.45 -22.67 17.00
CA GLU B 248 -15.07 -22.41 17.40
C GLU B 248 -14.80 -20.96 17.03
N ILE B 249 -14.69 -20.06 18.02
CA ILE B 249 -14.69 -18.62 17.77
C ILE B 249 -13.50 -17.98 18.49
N GLY B 250 -12.75 -17.13 17.78
CA GLY B 250 -11.56 -16.49 18.32
C GLY B 250 -11.10 -15.32 17.46
N MET B 251 -9.78 -15.14 17.31
CA MET B 251 -9.27 -14.01 16.56
C MET B 251 -7.93 -14.39 15.92
N THR B 252 -7.54 -13.64 14.88
CA THR B 252 -6.28 -13.88 14.19
C THR B 252 -5.58 -12.55 13.95
N ALA B 253 -4.24 -12.61 13.88
CA ALA B 253 -3.42 -11.47 13.53
C ALA B 253 -2.33 -11.94 12.57
N GLN B 254 -2.19 -11.23 11.45
CA GLN B 254 -1.19 -11.55 10.43
C GLN B 254 -0.39 -10.29 10.10
N LEU B 255 0.92 -10.35 10.32
CA LEU B 255 1.79 -9.19 10.11
C LEU B 255 1.83 -8.82 8.64
N PHE B 256 1.95 -7.51 8.39
CA PHE B 256 1.95 -6.98 7.04
C PHE B 256 3.18 -7.46 6.27
N ASN B 257 3.08 -7.38 4.94
CA ASN B 257 4.15 -7.77 4.03
C ASN B 257 4.44 -9.27 4.12
N THR B 258 3.37 -10.07 4.22
CA THR B 258 3.46 -11.52 4.24
C THR B 258 2.42 -12.13 3.32
N SER B 259 2.75 -13.31 2.82
CA SER B 259 1.81 -14.12 2.07
C SER B 259 1.93 -15.55 2.57
N ALA B 260 0.84 -16.28 2.47
CA ALA B 260 0.74 -17.66 2.94
C ALA B 260 0.43 -18.56 1.77
N PRO B 261 0.76 -19.84 1.86
CA PRO B 261 0.32 -20.78 0.82
C PRO B 261 -1.19 -20.95 0.85
N TYR B 262 -1.73 -21.47 -0.25
CA TYR B 262 -3.16 -21.78 -0.27
C TYR B 262 -3.48 -22.81 0.81
N HIS B 263 -4.62 -22.62 1.47
CA HIS B 263 -5.12 -23.44 2.57
C HIS B 263 -6.39 -24.18 2.16
N TYR B 264 -6.66 -25.29 2.85
CA TYR B 264 -7.97 -25.94 2.78
C TYR B 264 -8.12 -26.86 3.99
N HIS B 265 -9.36 -27.20 4.31
CA HIS B 265 -9.67 -28.09 5.45
C HIS B 265 -11.14 -28.41 5.45
N HIS B 266 -11.48 -29.54 6.10
CA HIS B 266 -12.89 -29.95 6.23
C HIS B 266 -13.79 -28.88 6.85
N PRO B 267 -13.47 -28.31 8.01
CA PRO B 267 -14.47 -27.44 8.67
C PRO B 267 -14.72 -26.17 7.87
N GLN B 268 -16.00 -25.80 7.81
CA GLN B 268 -16.40 -24.49 7.31
C GLN B 268 -15.87 -23.41 8.25
N GLU B 269 -15.70 -22.20 7.71
CA GLU B 269 -14.90 -21.19 8.40
C GLU B 269 -15.44 -19.81 8.02
N ILE B 270 -15.34 -18.87 8.97
CA ILE B 270 -15.91 -17.53 8.83
C ILE B 270 -14.87 -16.52 9.27
N TYR B 271 -14.71 -15.45 8.50
CA TYR B 271 -13.77 -14.38 8.84
C TYR B 271 -14.51 -13.06 8.81
N MET B 272 -14.35 -12.27 9.86
CA MET B 272 -14.86 -10.90 9.89
C MET B 272 -13.68 -9.95 10.08
N THR B 273 -13.45 -9.10 9.08
CA THR B 273 -12.26 -8.27 9.05
C THR B 273 -12.43 -7.07 9.99
N LEU B 274 -11.48 -6.90 10.90
CA LEU B 274 -11.46 -5.75 11.81
C LEU B 274 -10.52 -4.64 11.37
N THR B 275 -9.41 -4.97 10.71
CA THR B 275 -8.42 -3.95 10.35
C THR B 275 -9.01 -2.91 9.42
N LYS B 276 -8.80 -1.63 9.76
CA LYS B 276 -9.06 -0.54 8.80
C LYS B 276 -7.85 -0.41 7.89
N PRO B 277 -7.96 -0.73 6.60
CA PRO B 277 -6.77 -0.67 5.74
C PRO B 277 -6.27 0.76 5.54
N GLN B 278 -4.95 0.88 5.33
CA GLN B 278 -4.33 2.16 5.02
C GLN B 278 -4.23 2.41 3.52
N CYS B 279 -4.48 1.38 2.72
CA CYS B 279 -4.65 1.50 1.28
C CYS B 279 -5.65 0.43 0.89
N ILE B 280 -6.37 0.63 -0.20
CA ILE B 280 -7.47 -0.30 -0.46
C ILE B 280 -6.98 -1.72 -0.66
N ASP B 281 -5.72 -1.92 -1.09
CA ASP B 281 -5.20 -3.25 -1.33
C ASP B 281 -4.26 -3.74 -0.22
N GLN B 282 -4.34 -3.17 0.97
CA GLN B 282 -3.44 -3.61 2.05
C GLN B 282 -3.68 -5.07 2.39
N ASN B 283 -4.94 -5.47 2.51
CA ASN B 283 -5.29 -6.81 2.96
C ASN B 283 -6.18 -7.44 1.91
N LYS B 284 -5.68 -8.48 1.25
CA LYS B 284 -6.37 -9.17 0.18
C LYS B 284 -6.63 -10.61 0.58
N HIS B 285 -7.76 -11.16 0.13
CA HIS B 285 -8.03 -12.57 0.39
C HIS B 285 -8.60 -13.24 -0.87
N MET B 286 -8.47 -14.56 -0.85
CA MET B 286 -8.97 -15.45 -1.89
C MET B 286 -9.74 -16.58 -1.20
N VAL B 287 -10.92 -16.91 -1.72
CA VAL B 287 -11.58 -18.17 -1.40
C VAL B 287 -12.31 -18.62 -2.66
N MET B 288 -12.04 -19.85 -3.09
CA MET B 288 -12.68 -20.43 -4.26
C MET B 288 -12.96 -21.90 -3.98
N HIS B 289 -14.19 -22.32 -4.27
CA HIS B 289 -14.58 -23.70 -4.00
C HIS B 289 -13.66 -24.68 -4.70
N TRP B 290 -13.57 -25.89 -4.14
CA TRP B 290 -12.63 -26.90 -4.65
C TRP B 290 -12.91 -27.27 -6.11
N ASP B 291 -14.18 -27.24 -6.52
CA ASP B 291 -14.57 -27.63 -7.87
C ASP B 291 -14.69 -26.45 -8.83
N ASN B 292 -14.19 -25.29 -8.43
CA ASN B 292 -14.16 -24.10 -9.30
C ASN B 292 -13.41 -24.42 -10.59
N ASN B 293 -14.00 -24.07 -11.74
CA ASN B 293 -13.40 -24.42 -13.02
C ASN B 293 -12.13 -23.63 -13.35
N GLN B 294 -11.70 -22.72 -12.48
CA GLN B 294 -10.38 -22.13 -12.68
C GLN B 294 -9.27 -23.15 -12.41
N PHE B 295 -9.55 -24.12 -11.55
CA PHE B 295 -8.61 -25.16 -11.16
C PHE B 295 -8.85 -26.42 -12.00
N LYS B 296 -7.92 -27.35 -11.89
CA LYS B 296 -8.08 -28.68 -12.46
C LYS B 296 -8.23 -29.69 -11.34
N GLN B 297 -9.26 -30.53 -11.44
CA GLN B 297 -9.58 -31.52 -10.43
C GLN B 297 -9.41 -32.92 -11.02
N LYS B 298 -8.82 -33.81 -10.23
CA LYS B 298 -8.72 -35.21 -10.60
C LYS B 298 -9.09 -36.05 -9.39
N ARG B 299 -10.01 -36.97 -9.57
CA ARG B 299 -10.43 -37.82 -8.47
C ARG B 299 -9.28 -38.69 -7.97
N SER B 300 -9.01 -38.59 -6.68
CA SER B 300 -7.96 -39.37 -6.07
C SER B 300 -8.60 -40.41 -5.17
N ASP B 301 -7.77 -41.06 -4.38
CA ASP B 301 -8.26 -42.03 -3.43
C ASP B 301 -8.97 -41.27 -2.32
N ASN B 302 -10.27 -41.52 -2.16
CA ASN B 302 -11.04 -40.85 -1.12
C ASN B 302 -10.90 -39.32 -1.10
N GLY B 303 -10.60 -38.72 -2.24
CA GLY B 303 -10.45 -37.28 -2.30
C GLY B 303 -10.32 -36.70 -3.69
N TRP B 304 -9.80 -35.48 -3.77
CA TRP B 304 -9.62 -34.80 -5.04
C TRP B 304 -8.24 -34.16 -5.08
N THR B 305 -7.51 -34.37 -6.18
CA THR B 305 -6.29 -33.62 -6.45
C THR B 305 -6.67 -32.36 -7.21
N VAL B 306 -6.42 -31.20 -6.60
CA VAL B 306 -6.75 -29.93 -7.22
C VAL B 306 -5.45 -29.20 -7.55
N ASN B 307 -5.27 -28.90 -8.84
CA ASN B 307 -4.10 -28.18 -9.33
C ASN B 307 -4.46 -26.72 -9.57
N ILE B 308 -3.60 -25.82 -9.07
CA ILE B 308 -3.83 -24.38 -9.12
C ILE B 308 -2.69 -23.73 -9.88
N ASP B 309 -3.02 -22.88 -10.85
CA ASP B 309 -2.04 -22.20 -11.68
C ASP B 309 -2.41 -20.72 -11.75
N GLY B 310 -1.85 -19.93 -10.84
CA GLY B 310 -2.03 -18.49 -10.85
C GLY B 310 -0.84 -17.73 -11.41
N SER B 311 0.00 -18.42 -12.18
CA SER B 311 1.22 -17.82 -12.69
C SER B 311 0.90 -16.69 -13.67
N LYS B 312 1.91 -15.85 -13.91
CA LYS B 312 1.83 -14.80 -14.92
C LYS B 312 0.62 -13.89 -14.68
N GLY B 313 0.41 -13.52 -13.42
CA GLY B 313 -0.67 -12.62 -13.05
C GLY B 313 -2.05 -13.21 -12.97
N LYS B 314 -2.23 -14.49 -13.33
CA LYS B 314 -3.57 -15.07 -13.30
C LYS B 314 -4.16 -15.14 -11.90
N TRP B 315 -3.33 -15.05 -10.85
CA TRP B 315 -3.82 -15.10 -9.48
C TRP B 315 -4.53 -13.82 -9.07
N LYS B 316 -4.23 -12.69 -9.71
CA LYS B 316 -4.67 -11.40 -9.19
C LYS B 316 -6.18 -11.29 -9.16
N LYS B 317 -6.86 -11.77 -10.21
CA LYS B 317 -8.32 -11.72 -10.25
C LYS B 317 -8.97 -12.61 -9.19
N TRP B 318 -8.22 -13.57 -8.62
CA TRP B 318 -8.76 -14.43 -7.57
C TRP B 318 -8.77 -13.76 -6.21
N PHE B 319 -8.07 -12.65 -6.03
CA PHE B 319 -7.93 -12.02 -4.74
C PHE B 319 -8.73 -10.72 -4.71
N SER B 320 -9.43 -10.51 -3.58
CA SER B 320 -10.30 -9.36 -3.35
CA SER B 320 -10.29 -9.35 -3.35
C SER B 320 -9.81 -8.57 -2.14
N ASN B 321 -10.01 -7.26 -2.16
CA ASN B 321 -9.60 -6.42 -1.03
C ASN B 321 -10.53 -6.63 0.15
N GLN B 322 -9.98 -6.55 1.36
CA GLN B 322 -10.74 -6.70 2.59
C GLN B 322 -10.76 -5.40 3.37
N ASP B 323 -11.90 -5.11 4.00
CA ASP B 323 -12.01 -3.96 4.87
C ASP B 323 -13.12 -4.26 5.86
N PRO B 324 -13.29 -3.44 6.89
CA PRO B 324 -14.30 -3.76 7.90
C PRO B 324 -15.71 -3.28 7.58
N GLU B 325 -15.93 -2.73 6.39
CA GLU B 325 -17.23 -2.15 6.07
C GLU B 325 -17.90 -2.83 4.87
N GLN B 326 -17.27 -2.84 3.70
CA GLN B 326 -17.91 -3.41 2.50
C GLN B 326 -17.62 -4.90 2.37
N ASN B 327 -16.36 -5.26 2.14
CA ASN B 327 -15.95 -6.66 2.05
C ASN B 327 -15.38 -7.10 3.39
N TRP B 328 -16.29 -7.26 4.35
CA TRP B 328 -15.91 -7.52 5.73
C TRP B 328 -16.18 -8.94 6.20
N LEU B 329 -16.98 -9.72 5.48
CA LEU B 329 -17.43 -11.02 5.95
C LEU B 329 -17.26 -12.05 4.85
N THR B 330 -16.65 -13.17 5.17
CA THR B 330 -16.48 -14.24 4.19
C THR B 330 -16.76 -15.58 4.87
N TYR B 331 -17.34 -16.51 4.11
CA TYR B 331 -17.69 -17.83 4.61
C TYR B 331 -17.10 -18.87 3.67
N PHE B 332 -16.32 -19.79 4.22
CA PHE B 332 -15.62 -20.80 3.43
C PHE B 332 -16.37 -22.12 3.55
N GLU B 333 -16.89 -22.62 2.42
CA GLU B 333 -17.51 -23.94 2.42
C GLU B 333 -16.44 -25.01 2.61
N ARG B 334 -16.87 -26.26 2.79
CA ARG B 334 -15.92 -27.32 3.16
C ARG B 334 -14.88 -27.50 2.08
N ASN B 335 -13.61 -27.62 2.49
CA ASN B 335 -12.48 -27.86 1.58
C ASN B 335 -12.28 -26.72 0.56
N ALA B 336 -12.85 -25.53 0.78
CA ALA B 336 -12.61 -24.45 -0.16
C ALA B 336 -11.18 -23.93 -0.03
N ILE B 337 -10.56 -23.67 -1.18
CA ILE B 337 -9.19 -23.16 -1.21
C ILE B 337 -9.20 -21.70 -0.78
N HIS B 338 -8.27 -21.30 0.09
CA HIS B 338 -8.22 -19.91 0.51
C HIS B 338 -6.81 -19.46 0.90
N ALA B 339 -6.61 -18.14 0.93
CA ALA B 339 -5.32 -17.53 1.27
C ALA B 339 -5.53 -16.07 1.65
N PHE B 340 -4.58 -15.53 2.41
CA PHE B 340 -4.58 -14.12 2.81
C PHE B 340 -3.23 -13.51 2.41
N HIS B 341 -3.27 -12.38 1.71
CA HIS B 341 -2.10 -11.87 0.99
C HIS B 341 -1.91 -10.40 1.33
N THR B 342 -0.78 -10.07 1.97
CA THR B 342 -0.53 -8.69 2.40
C THR B 342 0.78 -8.15 1.83
N LEU B 343 1.06 -8.40 0.55
CA LEU B 343 2.28 -7.90 -0.06
C LEU B 343 2.09 -6.64 -0.91
N GLU B 344 0.85 -6.31 -1.29
CA GLU B 344 0.65 -5.30 -2.33
C GLU B 344 0.67 -3.88 -1.76
N GLY B 345 0.92 -2.92 -2.65
CA GLY B 345 0.58 -1.54 -2.34
C GLY B 345 1.38 -0.99 -1.16
N CYS B 346 0.65 -0.41 -0.21
CA CYS B 346 1.24 0.30 0.92
C CYS B 346 1.86 -0.63 1.94
N ASN B 347 1.72 -1.96 1.80
CA ASN B 347 2.52 -2.87 2.62
C ASN B 347 4.01 -2.65 2.41
N GLN B 348 4.40 -2.03 1.29
CA GLN B 348 5.79 -1.69 1.02
C GLN B 348 6.18 -0.33 1.60
N THR B 349 5.29 0.30 2.36
CA THR B 349 5.55 1.64 2.88
C THR B 349 5.17 1.74 4.37
N ILE B 350 4.16 0.98 4.80
CA ILE B 350 3.63 1.13 6.16
C ILE B 350 4.52 0.43 7.18
N LYS B 351 4.21 0.64 8.46
CA LYS B 351 4.93 0.00 9.55
C LYS B 351 3.91 -0.44 10.61
N ASN B 352 4.30 -1.44 11.41
CA ASN B 352 3.50 -1.89 12.56
C ASN B 352 2.03 -2.05 12.20
N SER B 353 1.79 -2.88 11.17
CA SER B 353 0.47 -3.01 10.55
C SER B 353 0.24 -4.49 10.23
N GLY B 354 -0.95 -4.82 9.75
CA GLY B 354 -1.22 -6.20 9.38
C GLY B 354 -2.70 -6.42 9.14
N LEU B 355 -3.12 -7.69 9.26
CA LEU B 355 -4.52 -8.07 9.09
C LEU B 355 -5.00 -8.72 10.37
N VAL B 356 -6.06 -8.16 10.97
CA VAL B 356 -6.64 -8.64 12.23
C VAL B 356 -8.11 -8.94 12.00
N THR B 357 -8.57 -10.09 12.50
CA THR B 357 -9.91 -10.59 12.21
C THR B 357 -10.55 -11.22 13.45
N VAL B 358 -11.88 -11.27 13.44
CA VAL B 358 -12.63 -12.22 14.26
C VAL B 358 -12.79 -13.46 13.41
N TRP B 359 -12.39 -14.61 13.95
CA TRP B 359 -12.29 -15.85 13.19
C TRP B 359 -13.21 -16.90 13.79
N ALA B 360 -13.73 -17.80 12.94
CA ALA B 360 -14.55 -18.88 13.49
C ALA B 360 -14.54 -20.07 12.54
N ARG B 361 -14.77 -21.26 13.12
CA ARG B 361 -15.19 -22.45 12.38
C ARG B 361 -16.48 -22.96 12.96
N THR B 362 -17.31 -23.57 12.11
CA THR B 362 -18.66 -23.91 12.54
C THR B 362 -18.82 -25.39 12.94
N THR B 363 -17.93 -26.28 12.49
CA THR B 363 -18.06 -27.71 12.75
C THR B 363 -16.77 -28.25 13.38
N ALA B 364 -16.38 -27.67 14.53
CA ALA B 364 -15.09 -28.04 15.10
C ALA B 364 -15.06 -29.45 15.71
N GLN B 365 -16.21 -30.13 15.77
CA GLN B 365 -16.28 -31.45 16.39
C GLN B 365 -16.57 -32.63 15.47
N ASP B 366 -16.40 -32.43 14.18
CA ASP B 366 -16.61 -33.51 13.23
C ASP B 366 -15.61 -33.40 12.09
N ASN B 367 -15.30 -34.55 11.50
CA ASN B 367 -14.33 -34.63 10.41
C ASN B 367 -12.92 -34.23 10.86
N ASN B 368 -12.03 -33.98 9.90
CA ASN B 368 -10.65 -33.64 10.20
C ASN B 368 -10.39 -32.15 10.35
N GLN B 369 -10.00 -31.74 11.55
CA GLN B 369 -9.74 -30.33 11.85
C GLN B 369 -8.39 -29.83 11.37
N THR B 370 -7.55 -30.72 10.84
CA THR B 370 -6.23 -30.31 10.40
C THR B 370 -6.31 -29.23 9.33
N THR B 371 -5.50 -28.18 9.49
CA THR B 371 -5.36 -27.14 8.48
C THR B 371 -4.38 -27.63 7.43
N GLN B 372 -4.85 -27.87 6.21
CA GLN B 372 -3.99 -28.40 5.18
C GLN B 372 -3.45 -27.27 4.31
N LEU B 373 -2.28 -27.53 3.70
CA LEU B 373 -1.59 -26.54 2.87
C LEU B 373 -1.31 -27.14 1.51
N CYS B 374 -1.58 -26.37 0.46
CA CYS B 374 -1.18 -26.81 -0.87
C CYS B 374 0.34 -26.76 -1.00
N ARG B 375 0.89 -27.62 -1.84
CA ARG B 375 2.33 -27.75 -1.94
C ARG B 375 2.84 -27.28 -3.31
N PRO B 376 4.13 -27.01 -3.42
CA PRO B 376 4.69 -26.58 -4.71
C PRO B 376 4.56 -27.70 -5.74
N MET B 377 4.20 -27.36 -6.97
CA MET B 377 4.00 -28.34 -8.01
C MET B 377 5.20 -29.26 -8.27
N THR B 378 6.41 -28.73 -8.10
CA THR B 378 7.59 -29.55 -8.34
C THR B 378 8.48 -29.69 -7.12
N GLY B 379 9.36 -30.68 -7.14
CA GLY B 379 10.28 -30.93 -6.05
C GLY B 379 11.34 -29.85 -5.99
N ALA B 380 11.57 -29.20 -7.12
CA ALA B 380 12.56 -28.14 -7.21
C ALA B 380 12.01 -26.86 -6.60
N LYS B 381 10.68 -26.71 -6.64
CA LYS B 381 10.03 -25.53 -6.11
C LYS B 381 10.25 -25.37 -4.60
N ASP B 382 10.45 -24.13 -4.17
CA ASP B 382 10.72 -23.82 -2.78
C ASP B 382 9.49 -23.37 -1.98
N ILE B 383 9.33 -23.95 -0.79
CA ILE B 383 8.24 -23.59 0.08
C ILE B 383 8.43 -22.18 0.62
N LYS B 384 9.65 -21.88 1.04
CA LYS B 384 9.96 -20.57 1.60
C LYS B 384 9.63 -19.38 0.70
N THR B 385 9.27 -19.65 -0.55
CA THR B 385 8.97 -18.58 -1.49
C THR B 385 7.56 -18.61 -2.08
N MET B 386 6.77 -19.62 -1.72
CA MET B 386 5.43 -19.72 -2.27
C MET B 386 4.61 -18.44 -2.10
N LYS B 387 3.96 -18.02 -3.19
CA LYS B 387 3.12 -16.84 -3.24
C LYS B 387 1.94 -17.26 -4.09
N PRO B 388 0.88 -16.47 -4.15
CA PRO B 388 -0.29 -16.86 -4.94
C PRO B 388 0.01 -17.19 -6.41
N GLU B 389 1.10 -16.67 -6.93
CA GLU B 389 1.47 -16.90 -8.32
C GLU B 389 2.12 -18.24 -8.64
N ASP B 390 2.57 -18.94 -7.62
CA ASP B 390 3.24 -20.22 -7.82
C ASP B 390 2.31 -21.42 -8.00
N LYS B 391 2.52 -22.20 -9.05
CA LYS B 391 1.71 -23.41 -9.24
C LYS B 391 1.74 -24.26 -7.99
N ALA B 392 0.58 -24.81 -7.63
CA ALA B 392 0.42 -25.55 -6.38
C ALA B 392 -0.48 -26.76 -6.59
N ILE B 393 -0.34 -27.74 -5.70
CA ILE B 393 -1.17 -28.92 -5.68
C ILE B 393 -1.80 -29.07 -4.30
N CYS B 394 -3.12 -29.21 -4.27
CA CYS B 394 -3.87 -29.40 -3.04
C CYS B 394 -4.44 -30.82 -3.04
N ASP B 395 -4.10 -31.61 -2.01
CA ASP B 395 -4.57 -32.98 -1.86
C ASP B 395 -5.74 -32.97 -0.88
N LEU B 396 -6.96 -32.90 -1.42
CA LEU B 396 -8.15 -32.79 -0.59
C LEU B 396 -8.67 -34.17 -0.21
N ASP B 397 -9.19 -34.28 1.02
CA ASP B 397 -9.84 -35.50 1.49
C ASP B 397 -11.33 -35.27 1.57
N ASP B 398 -12.10 -36.25 1.12
CA ASP B 398 -13.54 -36.25 1.34
C ASP B 398 -13.86 -36.13 2.83
N TRP B 399 -14.99 -35.50 3.13
CA TRP B 399 -15.52 -35.51 4.49
C TRP B 399 -16.67 -36.51 4.59
N LYS B 400 -17.07 -36.80 5.81
CA LYS B 400 -18.18 -37.71 6.03
C LYS B 400 -19.50 -36.95 5.88
N PRO B 401 -20.42 -37.41 5.02
CA PRO B 401 -21.73 -36.76 4.87
C PRO B 401 -22.63 -37.05 6.07
#